data_3GDC
#
_entry.id   3GDC
#
_cell.length_a   133.956
_cell.length_b   50.705
_cell.length_c   134.667
_cell.angle_alpha   90.00
_cell.angle_beta   107.86
_cell.angle_gamma   90.00
#
_symmetry.space_group_name_H-M   'C 1 2 1'
#
loop_
_entity.id
_entity.type
_entity.pdbx_description
1 polymer 'Multicopper oxidase'
2 non-polymer 'COPPER (II) ION'
3 non-polymer 'CALCIUM ION'
4 water water
#
_entity_poly.entity_id   1
_entity_poly.type   'polypeptide(L)'
_entity_poly.pdbx_seq_one_letter_code
;GGSVLAERAGIDPTAILRDFDRGRTSTLPDGRTLREWDIVAVDKDFEIAPGIIFKGWSYNGRIPGPTLWAREGDALRIHF
TNAGAHPHTIHFHGVHRATMDGTPGIGAGSIAPGQSFTYEFDATPFGTHLYHCHQSPLAPHIAKGLYGGFIVEPKEGRPP
ADDEMVMVMNGYNTDGGDDNEFYSVNGLPFHFMDFPVKVKQHELVRIHLINVLEYDPINSFHIHGNFFHYYPTGTMLTPS
EYTDTISQVQGQRGILELRFPYPGKFMFHAHKTEFAELGWMGFFEVSA
;
_entity_poly.pdbx_strand_id   A,B,C
#
loop_
_chem_comp.id
_chem_comp.type
_chem_comp.name
_chem_comp.formula
CA non-polymer 'CALCIUM ION' 'Ca 2'
CU non-polymer 'COPPER (II) ION' 'Cu 2'
#
# COMPACT_ATOMS: atom_id res chain seq x y z
N GLY A 1 -25.46 7.78 -22.74
CA GLY A 1 -25.40 6.91 -23.95
C GLY A 1 -24.56 5.66 -23.77
N GLY A 2 -24.03 5.49 -22.56
CA GLY A 2 -23.14 4.37 -22.25
C GLY A 2 -21.67 4.68 -22.52
N SER A 3 -20.80 3.69 -22.30
CA SER A 3 -19.39 3.81 -22.68
C SER A 3 -19.26 3.97 -24.20
N VAL A 4 -18.15 4.55 -24.65
CA VAL A 4 -17.93 4.75 -26.08
C VAL A 4 -17.64 3.40 -26.73
N LEU A 5 -18.36 3.08 -27.80
CA LEU A 5 -18.15 1.81 -28.49
C LEU A 5 -16.74 1.73 -29.06
N ALA A 6 -16.17 0.54 -28.98
CA ALA A 6 -14.79 0.26 -29.39
C ALA A 6 -14.46 0.81 -30.79
N GLU A 7 -15.33 0.55 -31.76
CA GLU A 7 -15.11 1.03 -33.13
C GLU A 7 -14.95 2.54 -33.19
N ARG A 8 -15.78 3.24 -32.43
CA ARG A 8 -15.76 4.71 -32.36
C ARG A 8 -14.58 5.22 -31.52
N ALA A 9 -14.31 4.53 -30.42
CA ALA A 9 -13.27 4.95 -29.48
C ALA A 9 -11.86 4.81 -30.05
N GLY A 10 -11.64 3.75 -30.83
CA GLY A 10 -10.31 3.44 -31.35
C GLY A 10 -9.54 2.47 -30.47
N ILE A 11 -10.19 1.99 -29.40
CA ILE A 11 -9.65 0.96 -28.49
C ILE A 11 -10.75 -0.07 -28.22
N ASP A 12 -10.40 -1.36 -28.24
CA ASP A 12 -11.33 -2.43 -27.85
C ASP A 12 -10.82 -3.13 -26.60
N PRO A 13 -11.26 -2.67 -25.42
CA PRO A 13 -10.80 -3.25 -24.16
C PRO A 13 -11.09 -4.75 -24.01
N THR A 14 -12.20 -5.21 -24.57
CA THR A 14 -12.56 -6.63 -24.52
C THR A 14 -11.53 -7.47 -25.28
N ALA A 15 -11.15 -7.01 -26.45
CA ALA A 15 -10.11 -7.68 -27.25
C ALA A 15 -8.78 -7.68 -26.50
N ILE A 16 -8.43 -6.52 -25.95
CA ILE A 16 -7.19 -6.34 -25.18
C ILE A 16 -7.11 -7.32 -24.01
N LEU A 17 -8.26 -7.54 -23.36
CA LEU A 17 -8.37 -8.40 -22.21
C LEU A 17 -7.75 -9.79 -22.43
N ARG A 18 -7.86 -10.32 -23.64
CA ARG A 18 -7.39 -11.67 -23.91
C ARG A 18 -6.35 -11.78 -25.05
N ASP A 19 -5.85 -10.64 -25.50
CA ASP A 19 -4.87 -10.60 -26.59
C ASP A 19 -3.42 -10.68 -26.07
N PHE A 20 -2.89 -11.89 -25.95
CA PHE A 20 -1.50 -12.10 -25.58
C PHE A 20 -0.68 -12.25 -26.86
N ASP A 21 0.17 -11.25 -27.10
CA ASP A 21 0.94 -11.19 -28.32
C ASP A 21 2.23 -12.03 -28.18
N ARG A 22 2.19 -13.20 -28.79
CA ARG A 22 3.31 -14.15 -28.70
C ARG A 22 4.44 -13.87 -29.69
N GLY A 23 4.25 -12.85 -30.52
CA GLY A 23 5.30 -12.41 -31.45
C GLY A 23 5.51 -13.37 -32.60
N ARG A 24 6.64 -13.21 -33.28
CA ARG A 24 7.05 -14.18 -34.28
C ARG A 24 8.26 -14.93 -33.76
N THR A 25 8.27 -16.25 -33.93
CA THR A 25 9.27 -17.10 -33.33
C THR A 25 10.12 -17.82 -34.36
N SER A 26 11.34 -18.12 -33.95
CA SER A 26 12.25 -18.98 -34.68
C SER A 26 13.10 -19.69 -33.63
N THR A 27 13.81 -20.73 -34.06
CA THR A 27 14.65 -21.53 -33.19
C THR A 27 16.12 -21.14 -33.36
N LEU A 28 16.79 -20.92 -32.24
CA LEU A 28 18.20 -20.54 -32.25
C LEU A 28 19.11 -21.76 -32.30
N PRO A 29 20.39 -21.56 -32.70
CA PRO A 29 21.40 -22.58 -32.42
C PRO A 29 21.63 -22.59 -30.90
N ASP A 30 21.07 -23.60 -30.26
CA ASP A 30 21.11 -23.88 -28.80
C ASP A 30 19.75 -24.40 -28.32
N GLY A 31 18.77 -24.39 -29.23
CA GLY A 31 17.44 -24.94 -28.97
C GLY A 31 16.41 -23.93 -28.50
N ARG A 32 16.88 -22.79 -27.99
CA ARG A 32 16.00 -21.74 -27.48
C ARG A 32 15.15 -21.07 -28.55
N THR A 33 14.03 -20.49 -28.12
CA THR A 33 13.14 -19.73 -28.98
C THR A 33 13.60 -18.26 -29.05
N LEU A 34 13.67 -17.74 -30.27
CA LEU A 34 13.87 -16.32 -30.50
C LEU A 34 12.51 -15.72 -30.84
N ARG A 35 12.07 -14.77 -30.00
CA ARG A 35 10.73 -14.23 -30.12
C ARG A 35 10.84 -12.74 -30.42
N GLU A 36 10.15 -12.27 -31.45
CA GLU A 36 10.31 -10.88 -31.91
C GLU A 36 8.99 -10.13 -32.14
N TRP A 37 9.02 -8.83 -31.88
CA TRP A 37 7.85 -8.00 -32.13
C TRP A 37 8.27 -6.71 -32.78
N ASP A 38 7.37 -6.14 -33.57
CA ASP A 38 7.55 -4.77 -34.07
C ASP A 38 6.59 -3.86 -33.29
N ILE A 39 7.15 -2.82 -32.69
CA ILE A 39 6.37 -1.89 -31.89
C ILE A 39 6.67 -0.49 -32.43
N VAL A 40 5.61 0.27 -32.70
CA VAL A 40 5.74 1.63 -33.24
C VAL A 40 5.05 2.63 -32.32
N ALA A 41 5.75 3.70 -31.92
CA ALA A 41 5.10 4.78 -31.18
C ALA A 41 4.38 5.70 -32.17
N VAL A 42 3.08 5.88 -31.96
CA VAL A 42 2.27 6.67 -32.88
C VAL A 42 1.35 7.61 -32.11
N ASP A 43 1.24 8.84 -32.58
CA ASP A 43 0.34 9.81 -32.00
C ASP A 43 -1.05 9.53 -32.57
N LYS A 44 -2.04 9.40 -31.71
CA LYS A 44 -3.38 8.95 -32.11
C LYS A 44 -4.41 9.54 -31.16
N ASP A 45 -5.51 10.02 -31.73
CA ASP A 45 -6.67 10.47 -30.94
C ASP A 45 -7.57 9.31 -30.59
N PHE A 46 -8.07 9.32 -29.36
CA PHE A 46 -8.98 8.29 -28.85
C PHE A 46 -10.18 8.98 -28.20
N GLU A 47 -11.39 8.55 -28.55
CA GLU A 47 -12.57 9.04 -27.86
C GLU A 47 -12.85 8.20 -26.62
N ILE A 48 -12.39 8.67 -25.46
CA ILE A 48 -12.45 7.87 -24.24
C ILE A 48 -13.78 7.99 -23.49
N ALA A 49 -14.44 9.13 -23.66
CA ALA A 49 -15.76 9.40 -23.11
C ALA A 49 -16.53 10.13 -24.21
N PRO A 50 -17.89 10.04 -24.22
CA PRO A 50 -18.61 10.70 -25.31
C PRO A 50 -18.22 12.18 -25.47
N GLY A 51 -17.65 12.50 -26.63
CA GLY A 51 -17.25 13.88 -26.95
C GLY A 51 -15.90 14.31 -26.41
N ILE A 52 -15.21 13.40 -25.71
CA ILE A 52 -13.93 13.71 -25.09
C ILE A 52 -12.82 13.01 -25.87
N ILE A 53 -12.04 13.79 -26.60
CA ILE A 53 -10.99 13.26 -27.46
C ILE A 53 -9.65 13.40 -26.77
N PHE A 54 -9.07 12.25 -26.43
CA PHE A 54 -7.78 12.21 -25.75
C PHE A 54 -6.69 12.11 -26.81
N LYS A 55 -5.76 13.07 -26.81
CA LYS A 55 -4.61 13.05 -27.74
C LYS A 55 -3.55 12.15 -27.11
N GLY A 56 -3.54 10.90 -27.56
CA GLY A 56 -2.66 9.89 -27.00
C GLY A 56 -1.33 9.73 -27.72
N TRP A 57 -0.37 9.21 -26.96
CA TRP A 57 0.87 8.68 -27.50
C TRP A 57 0.77 7.19 -27.22
N SER A 58 0.76 6.38 -28.27
CA SER A 58 0.46 4.97 -28.11
C SER A 58 1.44 4.07 -28.84
N TYR A 59 1.68 2.90 -28.27
CA TYR A 59 2.40 1.84 -28.97
C TYR A 59 1.42 1.05 -29.82
N ASN A 60 1.65 1.03 -31.14
CA ASN A 60 0.81 0.30 -32.10
C ASN A 60 -0.66 0.74 -32.11
N GLY A 61 -0.89 2.02 -31.79
CA GLY A 61 -2.21 2.64 -31.92
C GLY A 61 -3.27 2.13 -30.96
N ARG A 62 -2.83 1.61 -29.82
CA ARG A 62 -3.76 1.17 -28.78
C ARG A 62 -3.21 1.54 -27.41
N ILE A 63 -4.13 1.81 -26.48
CA ILE A 63 -3.81 2.07 -25.08
C ILE A 63 -4.69 1.14 -24.24
N PRO A 64 -4.09 0.23 -23.43
CA PRO A 64 -2.64 -0.02 -23.30
C PRO A 64 -2.05 -0.57 -24.60
N GLY A 65 -0.73 -0.53 -24.70
CA GLY A 65 0.01 -1.11 -25.81
C GLY A 65 -0.10 -2.64 -25.84
N PRO A 66 0.54 -3.28 -26.83
CA PRO A 66 0.51 -4.73 -26.93
C PRO A 66 0.87 -5.42 -25.62
N THR A 67 0.15 -6.48 -25.28
CA THR A 67 0.55 -7.30 -24.16
C THR A 67 1.52 -8.35 -24.70
N LEU A 68 2.81 -8.18 -24.40
CA LEU A 68 3.82 -9.10 -24.88
C LEU A 68 3.86 -10.34 -24.02
N TRP A 69 3.93 -11.51 -24.64
CA TRP A 69 3.94 -12.80 -23.93
C TRP A 69 5.19 -13.59 -24.36
N ALA A 70 5.92 -14.10 -23.39
CA ALA A 70 7.09 -14.96 -23.67
C ALA A 70 7.16 -16.08 -22.65
N ARG A 71 7.98 -17.09 -22.96
CA ARG A 71 8.28 -18.12 -21.98
C ARG A 71 9.66 -17.87 -21.37
N GLU A 72 9.78 -18.14 -20.07
CA GLU A 72 11.00 -17.94 -19.31
C GLU A 72 12.21 -18.47 -20.10
N GLY A 73 13.20 -17.61 -20.27
CA GLY A 73 14.43 -18.00 -20.97
C GLY A 73 14.49 -17.72 -22.45
N ASP A 74 13.36 -17.37 -23.08
CA ASP A 74 13.33 -16.99 -24.50
C ASP A 74 14.26 -15.82 -24.76
N ALA A 75 14.84 -15.78 -25.96
CA ALA A 75 15.60 -14.62 -26.41
C ALA A 75 14.61 -13.67 -27.06
N LEU A 76 14.60 -12.41 -26.61
CA LEU A 76 13.61 -11.43 -27.08
C LEU A 76 14.22 -10.31 -27.89
N ARG A 77 13.49 -9.89 -28.92
CA ARG A 77 13.84 -8.72 -29.72
C ARG A 77 12.60 -7.87 -29.93
N ILE A 78 12.66 -6.62 -29.48
CA ILE A 78 11.60 -5.66 -29.74
C ILE A 78 12.11 -4.60 -30.68
N HIS A 79 11.59 -4.60 -31.91
CA HIS A 79 12.01 -3.66 -32.94
C HIS A 79 11.14 -2.43 -32.84
N PHE A 80 11.68 -1.42 -32.19
CA PHE A 80 10.98 -0.18 -31.89
C PHE A 80 11.22 0.85 -32.97
N THR A 81 10.14 1.46 -33.48
CA THR A 81 10.24 2.61 -34.37
C THR A 81 9.43 3.75 -33.76
N ASN A 82 10.01 4.94 -33.74
CA ASN A 82 9.31 6.12 -33.25
C ASN A 82 8.70 6.87 -34.41
N ALA A 83 7.38 6.73 -34.58
CA ALA A 83 6.66 7.48 -35.61
C ALA A 83 5.90 8.68 -35.03
N GLY A 84 6.19 9.01 -33.78
CA GLY A 84 5.60 10.19 -33.12
C GLY A 84 6.36 11.49 -33.36
N ALA A 85 5.83 12.59 -32.83
CA ALA A 85 6.43 13.92 -33.00
C ALA A 85 7.50 14.22 -31.95
N HIS A 86 7.56 13.37 -30.91
CA HIS A 86 8.45 13.60 -29.78
C HIS A 86 9.39 12.41 -29.61
N PRO A 87 10.56 12.62 -28.98
CA PRO A 87 11.42 11.47 -28.70
C PRO A 87 10.74 10.55 -27.70
N HIS A 88 11.00 9.25 -27.82
CA HIS A 88 10.40 8.25 -26.93
C HIS A 88 11.39 7.12 -26.72
N THR A 89 11.10 6.27 -25.74
CA THR A 89 11.87 5.05 -25.53
C THR A 89 10.91 3.90 -25.18
N ILE A 90 11.45 2.71 -24.98
CA ILE A 90 10.74 1.68 -24.25
C ILE A 90 11.64 1.22 -23.11
N HIS A 91 11.13 1.40 -21.90
CA HIS A 91 11.77 0.87 -20.72
C HIS A 91 11.00 -0.35 -20.22
N PHE A 92 11.66 -1.50 -20.18
CA PHE A 92 11.03 -2.72 -19.71
C PHE A 92 11.27 -2.95 -18.22
N HIS A 93 10.26 -3.49 -17.54
CA HIS A 93 10.44 -4.05 -16.21
C HIS A 93 10.85 -5.50 -16.43
N GLY A 94 12.09 -5.82 -16.10
CA GLY A 94 12.63 -7.14 -16.36
C GLY A 94 14.14 -7.01 -16.28
N VAL A 95 14.84 -8.14 -16.32
CA VAL A 95 16.31 -8.12 -16.22
C VAL A 95 16.91 -7.95 -17.62
N HIS A 96 17.78 -6.94 -17.75
CA HIS A 96 18.41 -6.59 -19.03
C HIS A 96 19.67 -5.78 -18.77
N ARG A 97 20.49 -5.64 -19.81
CA ARG A 97 21.70 -4.83 -19.73
C ARG A 97 21.35 -3.35 -19.70
N ALA A 98 22.27 -2.52 -19.19
CA ALA A 98 22.05 -1.08 -19.07
C ALA A 98 21.78 -0.35 -20.39
N THR A 99 22.46 -0.76 -21.46
CA THR A 99 22.24 -0.18 -22.79
C THR A 99 20.89 -0.58 -23.41
N MET A 100 20.20 -1.52 -22.77
CA MET A 100 18.91 -1.99 -23.25
C MET A 100 17.74 -1.54 -22.37
N ASP A 101 18.02 -0.55 -21.53
CA ASP A 101 17.10 -0.16 -20.45
C ASP A 101 16.12 0.95 -20.88
N GLY A 102 16.35 1.55 -22.05
CA GLY A 102 15.48 2.62 -22.54
C GLY A 102 15.53 3.91 -21.73
N THR A 103 16.68 4.20 -21.14
CA THR A 103 16.84 5.42 -20.35
C THR A 103 17.65 6.47 -21.14
N PRO A 104 17.08 7.67 -21.33
CA PRO A 104 17.87 8.71 -22.00
C PRO A 104 19.22 8.94 -21.31
N GLY A 105 20.28 9.07 -22.11
CA GLY A 105 21.64 9.28 -21.58
C GLY A 105 22.42 8.01 -21.36
N ILE A 106 21.73 6.87 -21.42
CA ILE A 106 22.37 5.56 -21.25
C ILE A 106 22.26 4.75 -22.55
N GLY A 107 23.40 4.32 -23.07
CA GLY A 107 23.45 3.68 -24.38
C GLY A 107 22.84 4.57 -25.45
N ALA A 108 22.03 3.97 -26.31
CA ALA A 108 21.31 4.70 -27.37
C ALA A 108 20.34 5.76 -26.82
N GLY A 109 19.84 5.56 -25.60
CA GLY A 109 19.01 6.58 -24.95
C GLY A 109 17.73 6.92 -25.71
N SER A 110 17.43 8.21 -25.80
CA SER A 110 16.22 8.69 -26.49
C SER A 110 16.18 8.27 -27.95
N ILE A 111 15.04 7.75 -28.38
CA ILE A 111 14.85 7.42 -29.79
C ILE A 111 14.10 8.57 -30.45
N ALA A 112 14.78 9.26 -31.37
CA ALA A 112 14.21 10.42 -32.04
C ALA A 112 13.06 10.06 -33.00
N PRO A 113 12.17 11.03 -33.28
CA PRO A 113 11.13 10.82 -34.29
C PRO A 113 11.74 10.35 -35.62
N GLY A 114 11.19 9.27 -36.17
CA GLY A 114 11.67 8.68 -37.41
C GLY A 114 12.74 7.62 -37.24
N GLN A 115 13.25 7.47 -36.01
CA GLN A 115 14.38 6.57 -35.77
C GLN A 115 13.92 5.26 -35.13
N SER A 116 14.77 4.24 -35.21
CA SER A 116 14.45 2.88 -34.77
C SER A 116 15.56 2.30 -33.89
N PHE A 117 15.18 1.38 -33.01
CA PHE A 117 16.12 0.69 -32.13
C PHE A 117 15.55 -0.66 -31.77
N THR A 118 16.41 -1.67 -31.78
CA THR A 118 16.02 -3.00 -31.33
C THR A 118 16.47 -3.27 -29.90
N TYR A 119 15.50 -3.39 -28.99
CA TYR A 119 15.75 -3.83 -27.62
C TYR A 119 15.89 -5.34 -27.63
N GLU A 120 16.95 -5.83 -26.97
CA GLU A 120 17.26 -7.26 -26.88
C GLU A 120 17.57 -7.65 -25.45
N PHE A 121 16.94 -8.73 -24.99
CA PHE A 121 17.18 -9.29 -23.68
C PHE A 121 16.53 -10.67 -23.59
N ASP A 122 16.82 -11.40 -22.52
CA ASP A 122 16.18 -12.67 -22.29
C ASP A 122 14.91 -12.47 -21.46
N ALA A 123 13.94 -13.39 -21.60
CA ALA A 123 12.70 -13.31 -20.84
C ALA A 123 12.97 -13.80 -19.41
N THR A 124 13.35 -12.87 -18.54
CA THR A 124 13.70 -13.18 -17.16
C THR A 124 13.43 -11.99 -16.25
N PRO A 125 13.03 -12.23 -14.98
CA PRO A 125 12.60 -13.51 -14.41
C PRO A 125 11.19 -13.81 -14.86
N PHE A 126 10.72 -15.03 -14.63
CA PHE A 126 9.31 -15.28 -14.88
C PHE A 126 8.45 -14.40 -13.97
N GLY A 127 7.29 -14.03 -14.49
CA GLY A 127 6.36 -13.19 -13.74
C GLY A 127 5.54 -12.31 -14.63
N THR A 128 4.83 -11.39 -13.99
CA THR A 128 3.96 -10.45 -14.69
C THR A 128 4.63 -9.10 -14.60
N HIS A 129 4.99 -8.56 -15.77
CA HIS A 129 5.77 -7.34 -15.85
C HIS A 129 5.07 -6.33 -16.76
N LEU A 130 5.79 -5.28 -17.13
CA LEU A 130 5.25 -4.19 -17.93
C LEU A 130 6.40 -3.45 -18.60
N TYR A 131 6.04 -2.57 -19.53
CA TYR A 131 6.99 -1.69 -20.18
C TYR A 131 6.33 -0.33 -20.36
N HIS A 132 7.13 0.72 -20.44
CA HIS A 132 6.60 2.06 -20.68
C HIS A 132 7.69 3.00 -21.14
N CYS A 133 7.31 4.15 -21.68
CA CYS A 133 8.30 5.11 -22.12
C CYS A 133 9.04 5.72 -20.94
N HIS A 134 10.32 6.03 -21.12
CA HIS A 134 11.09 6.63 -20.04
C HIS A 134 11.71 8.00 -20.41
N GLN A 135 11.17 8.63 -21.44
CA GLN A 135 11.57 9.98 -21.82
C GLN A 135 11.07 11.01 -20.80
N SER A 136 11.90 12.01 -20.53
CA SER A 136 11.50 13.14 -19.67
C SER A 136 10.83 14.22 -20.51
N PRO A 137 9.79 14.91 -19.95
CA PRO A 137 9.20 14.76 -18.61
C PRO A 137 8.44 13.46 -18.45
N LEU A 138 8.76 12.72 -17.39
CA LEU A 138 8.24 11.38 -17.15
C LEU A 138 6.72 11.27 -17.14
N ALA A 139 6.04 12.20 -16.46
CA ALA A 139 4.58 12.04 -16.26
C ALA A 139 3.76 11.95 -17.55
N PRO A 140 3.86 12.96 -18.45
CA PRO A 140 3.12 12.88 -19.71
C PRO A 140 3.54 11.71 -20.61
N HIS A 141 4.81 11.33 -20.57
CA HIS A 141 5.27 10.23 -21.45
C HIS A 141 4.68 8.88 -21.08
N ILE A 142 4.40 8.67 -19.80
CA ILE A 142 3.66 7.47 -19.38
C ILE A 142 2.15 7.74 -19.50
N ALA A 143 1.70 8.86 -18.96
CA ALA A 143 0.26 9.17 -18.87
C ALA A 143 -0.44 9.33 -20.22
N LYS A 144 0.29 9.76 -21.25
CA LYS A 144 -0.30 9.90 -22.58
C LYS A 144 -0.59 8.58 -23.28
N GLY A 145 -0.11 7.47 -22.73
CA GLY A 145 -0.55 6.16 -23.19
C GLY A 145 0.54 5.15 -23.46
N LEU A 146 1.80 5.55 -23.30
CA LEU A 146 2.93 4.68 -23.66
C LEU A 146 3.28 3.65 -22.57
N TYR A 147 2.48 2.59 -22.53
CA TYR A 147 2.72 1.47 -21.60
C TYR A 147 2.01 0.23 -22.08
N GLY A 148 2.47 -0.93 -21.63
CA GLY A 148 1.78 -2.19 -21.91
C GLY A 148 2.29 -3.27 -20.99
N GLY A 149 1.66 -4.42 -21.03
CA GLY A 149 2.00 -5.55 -20.21
C GLY A 149 3.09 -6.39 -20.87
N PHE A 150 3.85 -7.10 -20.03
CA PHE A 150 4.93 -7.98 -20.50
C PHE A 150 4.90 -9.20 -19.59
N ILE A 151 4.40 -10.32 -20.13
CA ILE A 151 4.12 -11.54 -19.34
C ILE A 151 5.15 -12.60 -19.69
N VAL A 152 5.83 -13.13 -18.68
CA VAL A 152 6.83 -14.19 -18.86
C VAL A 152 6.37 -15.43 -18.08
N GLU A 153 5.93 -16.44 -18.82
CA GLU A 153 5.46 -17.69 -18.26
C GLU A 153 6.62 -18.53 -17.69
N PRO A 154 6.49 -18.99 -16.44
CA PRO A 154 7.50 -19.91 -15.89
C PRO A 154 7.66 -21.17 -16.73
N LYS A 155 8.92 -21.61 -16.86
CA LYS A 155 9.23 -22.86 -17.54
C LYS A 155 8.54 -24.02 -16.83
N GLU A 156 8.55 -23.99 -15.50
CA GLU A 156 7.95 -25.06 -14.70
C GLU A 156 7.20 -24.56 -13.46
N GLY A 157 5.97 -25.04 -13.29
CA GLY A 157 5.26 -24.90 -12.02
C GLY A 157 3.89 -24.23 -11.97
N ARG A 158 3.38 -23.74 -13.11
CA ARG A 158 2.08 -23.03 -13.10
C ARG A 158 0.92 -23.78 -13.79
N PRO A 159 -0.05 -24.27 -12.99
CA PRO A 159 -1.22 -25.03 -13.48
C PRO A 159 -1.97 -24.29 -14.58
N PRO A 160 -2.52 -25.02 -15.56
CA PRO A 160 -3.19 -24.33 -16.67
C PRO A 160 -4.47 -23.64 -16.21
N ALA A 161 -4.65 -22.40 -16.62
CA ALA A 161 -5.88 -21.66 -16.34
C ALA A 161 -6.89 -21.96 -17.43
N ASP A 162 -8.17 -21.94 -17.06
CA ASP A 162 -9.24 -22.13 -18.03
C ASP A 162 -9.49 -20.85 -18.82
N ASP A 163 -9.21 -19.69 -18.21
CA ASP A 163 -9.44 -18.40 -18.85
C ASP A 163 -8.40 -17.41 -18.34
N GLU A 164 -7.44 -17.05 -19.18
CA GLU A 164 -6.38 -16.13 -18.77
C GLU A 164 -6.60 -14.78 -19.42
N MET A 165 -6.39 -13.73 -18.63
CA MET A 165 -6.64 -12.37 -19.11
C MET A 165 -5.67 -11.36 -18.52
N VAL A 166 -5.65 -10.18 -19.13
CA VAL A 166 -4.83 -9.06 -18.69
C VAL A 166 -5.69 -7.81 -18.45
N MET A 167 -5.42 -7.15 -17.34
CA MET A 167 -6.13 -5.93 -16.97
C MET A 167 -5.13 -4.83 -16.59
N VAL A 168 -5.07 -3.79 -17.41
CA VAL A 168 -4.20 -2.66 -17.15
C VAL A 168 -5.06 -1.48 -16.66
N MET A 169 -4.77 -1.05 -15.44
CA MET A 169 -5.52 0.05 -14.80
C MET A 169 -4.80 1.35 -15.07
N ASN A 170 -5.51 2.32 -15.67
CA ASN A 170 -4.89 3.59 -15.99
C ASN A 170 -5.78 4.79 -15.65
N GLY A 171 -5.30 5.97 -16.00
CA GLY A 171 -6.02 7.22 -15.80
C GLY A 171 -5.80 8.11 -17.00
N TYR A 172 -6.75 9.03 -17.21
CA TYR A 172 -6.65 9.98 -18.31
C TYR A 172 -6.72 11.39 -17.76
N ASN A 173 -5.64 12.12 -17.99
CA ASN A 173 -5.52 13.53 -17.65
C ASN A 173 -5.87 14.34 -18.90
N THR A 174 -7.10 14.82 -18.95
CA THR A 174 -7.62 15.44 -20.16
C THR A 174 -7.49 16.97 -20.18
N ASP A 175 -7.40 17.61 -19.01
CA ASP A 175 -7.46 19.08 -18.95
C ASP A 175 -6.20 19.74 -18.38
N GLY A 176 -5.10 18.98 -18.33
CA GLY A 176 -3.86 19.48 -17.74
C GLY A 176 -3.86 19.40 -16.23
N GLY A 177 -2.84 19.99 -15.61
CA GLY A 177 -2.71 19.92 -14.16
C GLY A 177 -2.15 18.58 -13.74
N ASP A 178 -2.30 18.27 -12.46
CA ASP A 178 -1.70 17.09 -11.86
C ASP A 178 -2.76 16.07 -11.44
N ASP A 179 -3.91 16.12 -12.12
CA ASP A 179 -5.05 15.29 -11.76
C ASP A 179 -5.65 14.56 -12.95
N ASN A 180 -6.24 13.40 -12.67
CA ASN A 180 -6.94 12.63 -13.69
C ASN A 180 -8.42 12.98 -13.71
N GLU A 181 -9.01 12.90 -14.90
CA GLU A 181 -10.44 13.18 -15.08
C GLU A 181 -11.24 11.89 -15.31
N PHE A 182 -10.58 10.88 -15.87
CA PHE A 182 -11.19 9.56 -16.06
C PHE A 182 -10.23 8.43 -15.70
N TYR A 183 -10.79 7.25 -15.48
CA TYR A 183 -10.03 6.05 -15.10
C TYR A 183 -10.56 4.88 -15.90
N SER A 184 -9.73 3.88 -16.16
CA SER A 184 -10.22 2.73 -16.90
C SER A 184 -9.46 1.46 -16.53
N VAL A 185 -10.06 0.33 -16.89
CA VAL A 185 -9.30 -0.89 -17.07
C VAL A 185 -9.29 -1.23 -18.56
N ASN A 186 -8.09 -1.39 -19.13
CA ASN A 186 -7.93 -1.70 -20.54
C ASN A 186 -8.38 -0.67 -21.58
N GLY A 187 -8.46 0.60 -21.16
CA GLY A 187 -8.50 1.69 -22.10
C GLY A 187 -9.70 2.61 -22.10
N LEU A 188 -10.88 2.07 -21.81
CA LEU A 188 -12.12 2.87 -21.93
C LEU A 188 -12.95 2.86 -20.65
N PRO A 189 -13.16 4.05 -20.05
CA PRO A 189 -14.01 4.19 -18.87
C PRO A 189 -15.35 3.48 -19.07
N PHE A 190 -15.72 2.68 -18.06
CA PHE A 190 -17.01 1.96 -18.00
C PHE A 190 -17.30 0.92 -19.09
N HIS A 191 -16.31 0.57 -19.91
CA HIS A 191 -16.52 -0.41 -20.98
C HIS A 191 -17.12 -1.73 -20.46
N PHE A 192 -16.60 -2.23 -19.34
CA PHE A 192 -17.02 -3.53 -18.83
C PHE A 192 -18.34 -3.47 -18.03
N MET A 193 -18.90 -2.27 -17.92
CA MET A 193 -20.30 -2.12 -17.46
C MET A 193 -21.22 -2.54 -18.59
N ASP A 194 -20.89 -2.10 -19.79
CA ASP A 194 -21.71 -2.36 -20.99
C ASP A 194 -21.42 -3.70 -21.62
N PHE A 195 -20.17 -4.15 -21.47
CA PHE A 195 -19.70 -5.39 -22.06
C PHE A 195 -19.02 -6.20 -20.97
N PRO A 196 -19.82 -6.82 -20.09
CA PRO A 196 -19.21 -7.55 -18.96
C PRO A 196 -18.22 -8.62 -19.39
N VAL A 197 -17.25 -8.89 -18.52
CA VAL A 197 -16.26 -9.95 -18.77
C VAL A 197 -16.93 -11.32 -18.62
N LYS A 198 -17.02 -12.06 -19.74
CA LYS A 198 -17.69 -13.37 -19.71
C LYS A 198 -16.76 -14.49 -19.23
N VAL A 199 -17.15 -15.14 -18.13
CA VAL A 199 -16.42 -16.28 -17.56
C VAL A 199 -17.38 -17.43 -17.25
N LYS A 200 -16.85 -18.63 -17.01
CA LYS A 200 -17.67 -19.80 -16.73
C LYS A 200 -17.62 -20.19 -15.25
N GLN A 201 -18.78 -20.52 -14.67
CA GLN A 201 -18.85 -20.99 -13.30
C GLN A 201 -17.85 -22.12 -13.03
N HIS A 202 -17.12 -22.00 -11.93
CA HIS A 202 -16.18 -23.02 -11.43
C HIS A 202 -14.82 -23.07 -12.14
N GLU A 203 -14.71 -22.42 -13.30
CA GLU A 203 -13.48 -22.46 -14.10
C GLU A 203 -12.37 -21.62 -13.46
N LEU A 204 -11.13 -22.04 -13.64
CA LEU A 204 -10.00 -21.27 -13.12
C LEU A 204 -9.69 -20.04 -13.96
N VAL A 205 -9.97 -18.86 -13.41
CA VAL A 205 -9.71 -17.59 -14.09
C VAL A 205 -8.40 -17.01 -13.53
N ARG A 206 -7.48 -16.62 -14.42
CA ARG A 206 -6.20 -16.05 -14.03
C ARG A 206 -6.07 -14.67 -14.66
N ILE A 207 -5.92 -13.66 -13.83
CA ILE A 207 -5.85 -12.29 -14.31
C ILE A 207 -4.47 -11.71 -14.01
N HIS A 208 -3.84 -11.15 -15.04
CA HIS A 208 -2.63 -10.36 -14.84
C HIS A 208 -3.04 -8.90 -14.68
N LEU A 209 -2.91 -8.39 -13.45
CA LEU A 209 -3.39 -7.02 -13.14
C LEU A 209 -2.21 -6.10 -12.97
N ILE A 210 -2.19 -5.03 -13.76
CA ILE A 210 -1.06 -4.12 -13.82
C ILE A 210 -1.52 -2.70 -13.59
N ASN A 211 -0.85 -2.00 -12.67
CA ASN A 211 -1.19 -0.61 -12.42
C ASN A 211 -0.22 0.35 -13.08
N VAL A 212 -0.72 1.16 -14.03
CA VAL A 212 0.09 2.23 -14.62
C VAL A 212 -0.41 3.65 -14.26
N LEU A 213 -1.39 3.73 -13.37
CA LEU A 213 -2.02 5.00 -13.05
C LEU A 213 -0.99 6.07 -12.62
N GLU A 214 -1.00 7.18 -13.34
CA GLU A 214 -0.13 8.30 -13.03
C GLU A 214 -0.88 9.29 -12.12
N TYR A 215 -0.10 10.11 -11.40
CA TYR A 215 -0.61 11.22 -10.57
C TYR A 215 -1.15 10.76 -9.21
N ASP A 216 -2.14 9.87 -9.21
CA ASP A 216 -2.67 9.28 -7.97
C ASP A 216 -1.69 8.22 -7.45
N PRO A 217 -1.37 8.27 -6.15
CA PRO A 217 -0.31 7.39 -5.63
C PRO A 217 -0.66 5.88 -5.54
N ILE A 218 -1.95 5.54 -5.48
CA ILE A 218 -2.31 4.13 -5.31
C ILE A 218 -3.61 3.79 -6.02
N ASN A 219 -3.68 2.57 -6.55
CA ASN A 219 -4.89 2.07 -7.17
C ASN A 219 -5.30 0.82 -6.41
N SER A 220 -6.55 0.39 -6.58
CA SER A 220 -6.98 -0.85 -5.97
C SER A 220 -7.93 -1.62 -6.89
N PHE A 221 -8.29 -2.81 -6.46
CA PHE A 221 -9.09 -3.75 -7.24
C PHE A 221 -9.93 -4.56 -6.28
N HIS A 222 -11.24 -4.58 -6.50
CA HIS A 222 -12.14 -5.38 -5.67
C HIS A 222 -13.14 -6.08 -6.55
N ILE A 223 -13.45 -7.34 -6.22
CA ILE A 223 -14.47 -8.10 -6.92
C ILE A 223 -15.62 -8.47 -5.95
N HIS A 224 -16.85 -8.19 -6.35
CA HIS A 224 -18.03 -8.53 -5.54
C HIS A 224 -18.26 -10.03 -5.46
N GLY A 225 -18.59 -10.49 -4.27
CA GLY A 225 -19.03 -11.87 -4.02
C GLY A 225 -17.99 -12.96 -4.21
N ASN A 226 -16.72 -12.56 -4.34
CA ASN A 226 -15.68 -13.50 -4.72
C ASN A 226 -14.36 -13.20 -4.02
N PHE A 227 -13.50 -14.21 -3.95
CA PHE A 227 -12.19 -14.08 -3.34
C PHE A 227 -11.18 -14.68 -4.31
N PHE A 228 -9.96 -14.15 -4.29
CA PHE A 228 -8.91 -14.62 -5.18
C PHE A 228 -7.62 -14.83 -4.43
N HIS A 229 -6.76 -15.73 -4.94
CA HIS A 229 -5.39 -15.80 -4.48
C HIS A 229 -4.58 -14.79 -5.25
N TYR A 230 -3.70 -14.07 -4.55
CA TYR A 230 -2.92 -13.03 -5.20
C TYR A 230 -1.42 -13.35 -5.15
N TYR A 231 -0.78 -13.19 -6.30
CA TYR A 231 0.65 -13.46 -6.45
C TYR A 231 1.35 -12.19 -6.90
N PRO A 232 1.94 -11.44 -5.95
CA PRO A 232 2.57 -10.15 -6.26
C PRO A 232 3.66 -10.32 -7.32
N THR A 233 3.60 -9.51 -8.37
CA THR A 233 4.53 -9.54 -9.50
C THR A 233 4.52 -10.88 -10.28
N GLY A 234 3.69 -11.84 -9.85
CA GLY A 234 3.63 -13.17 -10.45
C GLY A 234 4.93 -13.97 -10.42
N THR A 235 5.85 -13.58 -9.54
CA THR A 235 7.19 -14.15 -9.50
C THR A 235 7.33 -15.39 -8.61
N MET A 236 6.30 -15.68 -7.82
CA MET A 236 6.32 -16.86 -6.96
C MET A 236 5.18 -17.79 -7.29
N LEU A 237 5.37 -19.08 -7.00
CA LEU A 237 4.37 -20.09 -7.33
C LEU A 237 3.37 -20.30 -6.20
N THR A 238 3.64 -19.67 -5.05
CA THR A 238 2.75 -19.70 -3.90
C THR A 238 2.18 -18.30 -3.64
N PRO A 239 0.84 -18.20 -3.43
CA PRO A 239 0.23 -16.88 -3.28
C PRO A 239 0.53 -16.20 -1.93
N SER A 240 0.51 -14.88 -1.95
CA SER A 240 0.80 -14.10 -0.77
C SER A 240 -0.45 -13.89 0.09
N GLU A 241 -1.60 -13.85 -0.58
CA GLU A 241 -2.85 -13.43 0.04
C GLU A 241 -4.03 -14.19 -0.54
N TYR A 242 -5.08 -14.33 0.26
CA TYR A 242 -6.38 -14.77 -0.25
C TYR A 242 -7.37 -13.71 0.21
N THR A 243 -7.95 -12.99 -0.76
CA THR A 243 -8.69 -11.76 -0.44
C THR A 243 -9.64 -11.35 -1.55
N ASP A 244 -10.41 -10.28 -1.30
CA ASP A 244 -11.28 -9.74 -2.34
C ASP A 244 -10.90 -8.33 -2.78
N THR A 245 -9.89 -7.75 -2.13
CA THR A 245 -9.45 -6.39 -2.41
C THR A 245 -7.92 -6.33 -2.33
N ILE A 246 -7.28 -5.78 -3.36
CA ILE A 246 -5.84 -5.57 -3.32
C ILE A 246 -5.45 -4.19 -3.80
N SER A 247 -4.27 -3.71 -3.37
CA SER A 247 -3.80 -2.40 -3.78
C SER A 247 -2.47 -2.50 -4.52
N GLN A 248 -2.22 -1.52 -5.39
CA GLN A 248 -0.99 -1.43 -6.16
C GLN A 248 -0.62 0.04 -6.37
N VAL A 249 0.62 0.41 -6.09
CA VAL A 249 1.10 1.72 -6.52
C VAL A 249 1.51 1.58 -7.99
N GLN A 250 1.86 2.69 -8.63
CA GLN A 250 2.26 2.62 -10.03
C GLN A 250 3.53 1.76 -10.16
N GLY A 251 3.52 0.84 -11.12
CA GLY A 251 4.66 -0.06 -11.30
C GLY A 251 4.45 -1.41 -10.65
N GLN A 252 3.52 -1.50 -9.68
CA GLN A 252 3.17 -2.79 -9.09
C GLN A 252 2.15 -3.52 -9.95
N ARG A 253 2.17 -4.84 -9.85
CA ARG A 253 1.37 -5.71 -10.69
C ARG A 253 1.41 -7.10 -10.08
N GLY A 254 0.51 -7.96 -10.51
CA GLY A 254 0.46 -9.32 -9.95
C GLY A 254 -0.56 -10.19 -10.66
N ILE A 255 -0.67 -11.42 -10.19
CA ILE A 255 -1.64 -12.36 -10.74
C ILE A 255 -2.73 -12.60 -9.71
N LEU A 256 -3.99 -12.56 -10.17
CA LEU A 256 -5.12 -12.99 -9.36
C LEU A 256 -5.65 -14.29 -9.93
N GLU A 257 -5.98 -15.24 -9.05
CA GLU A 257 -6.57 -16.50 -9.47
C GLU A 257 -7.85 -16.75 -8.70
N LEU A 258 -8.92 -17.06 -9.43
CA LEU A 258 -10.16 -17.46 -8.77
C LEU A 258 -11.05 -18.37 -9.61
N ARG A 259 -12.03 -18.99 -8.93
CA ARG A 259 -13.10 -19.72 -9.58
C ARG A 259 -14.40 -19.13 -9.05
N PHE A 260 -15.28 -18.69 -9.96
CA PHE A 260 -16.56 -18.09 -9.56
C PHE A 260 -17.57 -19.20 -9.22
N PRO A 261 -18.00 -19.29 -7.96
CA PRO A 261 -18.86 -20.40 -7.53
C PRO A 261 -20.32 -20.28 -7.99
N TYR A 262 -20.76 -19.07 -8.35
CA TYR A 262 -22.18 -18.82 -8.66
C TYR A 262 -22.36 -18.05 -9.96
N PRO A 263 -23.39 -18.39 -10.76
CA PRO A 263 -23.65 -17.66 -11.99
C PRO A 263 -24.21 -16.28 -11.71
N GLY A 264 -24.17 -15.39 -12.69
CA GLY A 264 -24.74 -14.04 -12.54
C GLY A 264 -23.73 -12.92 -12.74
N LYS A 265 -24.16 -11.70 -12.43
CA LYS A 265 -23.34 -10.49 -12.58
C LYS A 265 -22.66 -10.11 -11.28
N PHE A 266 -21.34 -9.95 -11.34
CA PHE A 266 -20.55 -9.55 -10.18
C PHE A 266 -19.68 -8.35 -10.51
N MET A 267 -19.94 -7.24 -9.83
CA MET A 267 -19.20 -6.01 -10.08
C MET A 267 -17.72 -6.15 -9.70
N PHE A 268 -16.86 -5.48 -10.47
CA PHE A 268 -15.46 -5.32 -10.07
C PHE A 268 -15.07 -3.88 -10.33
N HIS A 269 -14.27 -3.30 -9.42
CA HIS A 269 -13.92 -1.89 -9.51
C HIS A 269 -12.82 -1.53 -8.53
N ALA A 270 -12.27 -0.33 -8.67
CA ALA A 270 -11.38 0.20 -7.65
C ALA A 270 -12.17 0.36 -6.36
N HIS A 271 -11.58 -0.01 -5.23
CA HIS A 271 -12.23 0.28 -3.95
C HIS A 271 -11.92 1.72 -3.49
N LYS A 272 -11.30 2.48 -4.38
CA LYS A 272 -11.22 3.93 -4.24
C LYS A 272 -12.39 4.49 -5.05
N THR A 273 -13.42 4.93 -4.33
CA THR A 273 -14.72 5.28 -4.91
C THR A 273 -14.66 6.36 -6.00
N GLU A 274 -13.81 7.37 -5.80
CA GLU A 274 -13.54 8.40 -6.79
C GLU A 274 -13.20 7.82 -8.18
N PHE A 275 -12.35 6.78 -8.18
CA PHE A 275 -11.89 6.19 -9.44
C PHE A 275 -12.99 5.38 -10.09
N ALA A 276 -13.71 4.63 -9.27
CA ALA A 276 -14.83 3.81 -9.73
C ALA A 276 -15.88 4.64 -10.46
N GLU A 277 -16.24 5.77 -9.86
CA GLU A 277 -17.30 6.62 -10.38
C GLU A 277 -16.87 7.42 -11.61
N LEU A 278 -15.56 7.39 -11.90
CA LEU A 278 -15.02 8.05 -13.07
C LEU A 278 -14.45 7.06 -14.12
N GLY A 279 -14.87 5.79 -14.03
CA GLY A 279 -14.70 4.86 -15.12
C GLY A 279 -14.11 3.51 -14.79
N TRP A 280 -13.46 3.39 -13.63
CA TRP A 280 -12.84 2.12 -13.25
C TRP A 280 -13.87 1.25 -12.50
N MET A 281 -14.87 0.78 -13.27
CA MET A 281 -15.84 -0.18 -12.79
C MET A 281 -16.39 -1.01 -13.95
N GLY A 282 -16.71 -2.26 -13.66
CA GLY A 282 -17.32 -3.16 -14.64
C GLY A 282 -18.00 -4.33 -13.95
N PHE A 283 -18.42 -5.30 -14.76
CA PHE A 283 -19.00 -6.54 -14.26
C PHE A 283 -18.30 -7.75 -14.86
N PHE A 284 -18.22 -8.82 -14.07
CA PHE A 284 -18.10 -10.17 -14.61
C PHE A 284 -19.49 -10.73 -14.81
N GLU A 285 -19.67 -11.42 -15.93
CA GLU A 285 -20.91 -12.17 -16.19
C GLU A 285 -20.57 -13.66 -16.17
N VAL A 286 -21.02 -14.35 -15.14
CA VAL A 286 -20.66 -15.74 -14.91
C VAL A 286 -21.79 -16.63 -15.44
N SER A 287 -21.46 -17.47 -16.41
CA SER A 287 -22.44 -18.37 -17.00
C SER A 287 -22.42 -19.69 -16.25
N ALA A 288 -23.61 -20.32 -16.13
CA ALA A 288 -23.78 -21.55 -15.35
C ALA A 288 -22.84 -22.71 -15.73
N SER B 3 -12.36 14.35 24.00
CA SER B 3 -13.41 13.64 23.22
C SER B 3 -14.79 13.86 23.82
N VAL B 4 -15.83 13.70 23.00
CA VAL B 4 -17.21 13.75 23.48
C VAL B 4 -17.52 12.47 24.25
N LEU B 5 -18.09 12.62 25.44
CA LEU B 5 -18.52 11.47 26.23
C LEU B 5 -19.54 10.64 25.45
N ALA B 6 -19.50 9.33 25.65
CA ALA B 6 -20.30 8.38 24.88
C ALA B 6 -21.81 8.62 24.95
N GLU B 7 -22.32 8.96 26.14
CA GLU B 7 -23.75 9.24 26.33
C GLU B 7 -24.26 10.44 25.51
N ARG B 8 -23.43 11.49 25.44
CA ARG B 8 -23.74 12.68 24.64
C ARG B 8 -23.58 12.41 23.14
N ALA B 9 -22.51 11.70 22.79
CA ALA B 9 -22.17 11.39 21.40
C ALA B 9 -23.19 10.52 20.68
N GLY B 10 -23.76 9.56 21.40
CA GLY B 10 -24.67 8.59 20.81
C GLY B 10 -23.94 7.37 20.27
N ILE B 11 -22.64 7.29 20.55
CA ILE B 11 -21.79 6.14 20.19
C ILE B 11 -20.84 5.83 21.35
N ASP B 12 -20.70 4.55 21.69
CA ASP B 12 -19.76 4.14 22.73
C ASP B 12 -18.66 3.25 22.14
N PRO B 13 -17.52 3.85 21.78
CA PRO B 13 -16.44 3.09 21.13
C PRO B 13 -15.86 1.97 22.00
N THR B 14 -15.86 2.15 23.32
CA THR B 14 -15.37 1.11 24.22
C THR B 14 -16.23 -0.15 24.19
N ALA B 15 -17.55 0.02 24.16
CA ALA B 15 -18.49 -1.11 24.03
C ALA B 15 -18.37 -1.77 22.64
N ILE B 16 -18.35 -0.95 21.59
CA ILE B 16 -18.19 -1.43 20.20
C ILE B 16 -16.96 -2.32 20.03
N LEU B 17 -15.89 -1.96 20.73
CA LEU B 17 -14.61 -2.66 20.70
C LEU B 17 -14.70 -4.16 20.97
N ARG B 18 -15.60 -4.57 21.88
CA ARG B 18 -15.69 -5.97 22.25
C ARG B 18 -17.07 -6.57 22.00
N ASP B 19 -17.92 -5.84 21.27
CA ASP B 19 -19.28 -6.31 21.01
C ASP B 19 -19.36 -7.08 19.68
N PHE B 20 -19.30 -8.40 19.79
CA PHE B 20 -19.43 -9.28 18.64
C PHE B 20 -20.84 -9.84 18.64
N ASP B 21 -21.65 -9.41 17.68
CA ASP B 21 -23.05 -9.83 17.59
C ASP B 21 -23.17 -11.19 16.92
N ARG B 22 -23.42 -12.22 17.73
CA ARG B 22 -23.56 -13.59 17.24
C ARG B 22 -24.96 -13.87 16.70
N GLY B 23 -25.84 -12.87 16.81
CA GLY B 23 -27.20 -12.98 16.31
C GLY B 23 -28.00 -14.05 17.01
N ARG B 24 -29.02 -14.56 16.31
CA ARG B 24 -29.88 -15.64 16.82
C ARG B 24 -29.67 -16.89 16.00
N THR B 25 -29.54 -18.03 16.69
CA THR B 25 -29.22 -19.28 16.03
C THR B 25 -30.32 -20.33 16.22
N SER B 26 -30.44 -21.19 15.21
CA SER B 26 -31.29 -22.37 15.25
C SER B 26 -30.63 -23.47 14.43
N THR B 27 -31.14 -24.70 14.55
CA THR B 27 -30.57 -25.84 13.83
C THR B 27 -31.43 -26.21 12.64
N LEU B 28 -30.80 -26.26 11.47
CA LEU B 28 -31.46 -26.71 10.26
C LEU B 28 -31.58 -28.26 10.27
N PRO B 29 -32.50 -28.81 9.45
CA PRO B 29 -32.66 -30.27 9.31
C PRO B 29 -31.35 -30.96 8.90
N ASP B 30 -30.52 -30.23 8.18
CA ASP B 30 -29.15 -30.59 7.80
C ASP B 30 -28.26 -30.83 9.03
N GLY B 31 -28.61 -30.17 10.14
CA GLY B 31 -27.75 -30.14 11.32
C GLY B 31 -26.94 -28.86 11.35
N ARG B 32 -26.93 -28.15 10.22
CA ARG B 32 -26.25 -26.88 10.07
C ARG B 32 -26.90 -25.80 10.94
N THR B 33 -26.08 -24.84 11.36
CA THR B 33 -26.57 -23.69 12.13
C THR B 33 -27.14 -22.65 11.19
N LEU B 34 -28.32 -22.15 11.52
CA LEU B 34 -28.87 -20.99 10.86
C LEU B 34 -28.67 -19.81 11.82
N ARG B 35 -28.02 -18.76 11.32
CA ARG B 35 -27.69 -17.60 12.15
C ARG B 35 -28.27 -16.34 11.54
N GLU B 36 -29.01 -15.58 12.34
CA GLU B 36 -29.81 -14.48 11.80
C GLU B 36 -29.65 -13.17 12.55
N TRP B 37 -29.75 -12.07 11.82
CA TRP B 37 -29.74 -10.72 12.38
C TRP B 37 -30.80 -9.84 11.73
N ASP B 38 -31.30 -8.85 12.47
CA ASP B 38 -32.12 -7.79 11.92
C ASP B 38 -31.29 -6.51 11.89
N ILE B 39 -31.24 -5.86 10.73
CA ILE B 39 -30.52 -4.60 10.61
C ILE B 39 -31.41 -3.54 9.98
N VAL B 40 -31.48 -2.39 10.63
CA VAL B 40 -32.29 -1.29 10.16
C VAL B 40 -31.40 -0.08 9.84
N ALA B 41 -31.52 0.44 8.63
CA ALA B 41 -30.86 1.68 8.26
C ALA B 41 -31.67 2.84 8.84
N VAL B 42 -31.05 3.65 9.70
CA VAL B 42 -31.71 4.80 10.29
C VAL B 42 -30.84 6.06 10.17
N ASP B 43 -31.49 7.19 9.94
CA ASP B 43 -30.82 8.48 9.95
C ASP B 43 -30.70 8.95 11.40
N LYS B 44 -29.50 9.32 11.81
CA LYS B 44 -29.25 9.73 13.18
C LYS B 44 -28.11 10.73 13.28
N ASP B 45 -28.31 11.75 14.12
CA ASP B 45 -27.27 12.75 14.41
C ASP B 45 -26.35 12.28 15.53
N PHE B 46 -25.05 12.47 15.35
CA PHE B 46 -24.04 12.09 16.34
C PHE B 46 -23.12 13.27 16.63
N GLU B 47 -22.85 13.54 17.92
CA GLU B 47 -21.84 14.54 18.29
C GLU B 47 -20.45 13.91 18.35
N ILE B 48 -19.74 13.98 17.22
CA ILE B 48 -18.44 13.31 17.06
C ILE B 48 -17.27 14.12 17.63
N ALA B 49 -17.44 15.43 17.70
CA ALA B 49 -16.45 16.33 18.31
C ALA B 49 -17.18 17.47 19.03
N PRO B 50 -16.59 18.01 20.12
CA PRO B 50 -17.26 19.06 20.89
C PRO B 50 -17.88 20.16 20.02
N GLY B 51 -19.21 20.17 19.96
CA GLY B 51 -19.95 21.16 19.17
C GLY B 51 -20.15 20.81 17.71
N ILE B 52 -19.53 19.72 17.27
CA ILE B 52 -19.63 19.26 15.88
C ILE B 52 -20.63 18.11 15.80
N ILE B 53 -21.76 18.36 15.15
CA ILE B 53 -22.81 17.36 14.98
C ILE B 53 -22.76 16.78 13.57
N PHE B 54 -22.58 15.46 13.50
CA PHE B 54 -22.51 14.74 12.24
C PHE B 54 -23.85 14.10 11.92
N LYS B 55 -24.41 14.47 10.76
CA LYS B 55 -25.66 13.88 10.30
C LYS B 55 -25.36 12.52 9.66
N GLY B 56 -25.64 11.46 10.41
CA GLY B 56 -25.22 10.12 10.01
C GLY B 56 -26.30 9.31 9.35
N TRP B 57 -25.85 8.32 8.58
CA TRP B 57 -26.69 7.24 8.10
C TRP B 57 -26.11 6.00 8.76
N SER B 58 -26.90 5.35 9.60
CA SER B 58 -26.36 4.28 10.44
C SER B 58 -27.15 3.00 10.34
N TYR B 59 -26.48 1.88 10.58
CA TYR B 59 -27.14 0.59 10.72
C TYR B 59 -27.39 0.40 12.21
N ASN B 60 -28.65 0.22 12.59
CA ASN B 60 -29.01 0.03 14.01
C ASN B 60 -28.55 1.16 14.93
N GLY B 61 -28.48 2.38 14.40
CA GLY B 61 -28.23 3.58 15.19
C GLY B 61 -26.84 3.74 15.78
N ARG B 62 -25.85 3.06 15.18
CA ARG B 62 -24.47 3.15 15.64
C ARG B 62 -23.52 3.25 14.45
N ILE B 63 -22.42 3.98 14.65
CA ILE B 63 -21.32 4.05 13.69
C ILE B 63 -20.02 3.65 14.38
N PRO B 64 -19.36 2.56 13.93
CA PRO B 64 -19.76 1.62 12.86
C PRO B 64 -21.00 0.83 13.24
N GLY B 65 -21.61 0.19 12.25
CA GLY B 65 -22.73 -0.73 12.48
C GLY B 65 -22.34 -1.95 13.30
N PRO B 66 -23.31 -2.84 13.57
CA PRO B 66 -23.10 -4.06 14.32
C PRO B 66 -21.94 -4.88 13.76
N THR B 67 -21.10 -5.42 14.64
CA THR B 67 -20.07 -6.36 14.22
C THR B 67 -20.67 -7.76 14.24
N LEU B 68 -20.94 -8.29 13.04
CA LEU B 68 -21.56 -9.59 12.91
C LEU B 68 -20.49 -10.66 13.09
N TRP B 69 -20.83 -11.71 13.84
CA TRP B 69 -19.93 -12.84 14.08
C TRP B 69 -20.59 -14.14 13.67
N ALA B 70 -19.85 -15.00 12.98
CA ALA B 70 -20.38 -16.29 12.53
C ALA B 70 -19.26 -17.31 12.49
N ARG B 71 -19.63 -18.59 12.51
CA ARG B 71 -18.70 -19.69 12.28
C ARG B 71 -18.75 -20.12 10.82
N GLU B 72 -17.59 -20.43 10.26
CA GLU B 72 -17.46 -20.91 8.88
C GLU B 72 -18.48 -22.01 8.59
N GLY B 73 -19.25 -21.84 7.52
CA GLY B 73 -20.24 -22.86 7.13
C GLY B 73 -21.67 -22.59 7.58
N ASP B 74 -21.83 -21.73 8.59
CA ASP B 74 -23.17 -21.31 9.03
C ASP B 74 -24.01 -20.78 7.86
N ALA B 75 -25.30 -21.12 7.85
CA ALA B 75 -26.25 -20.47 6.95
C ALA B 75 -26.66 -19.14 7.59
N LEU B 76 -26.52 -18.06 6.83
CA LEU B 76 -26.79 -16.71 7.36
C LEU B 76 -28.00 -16.06 6.72
N ARG B 77 -28.72 -15.28 7.52
CA ARG B 77 -29.81 -14.44 7.02
C ARG B 77 -29.74 -13.09 7.70
N ILE B 78 -29.65 -12.03 6.90
CA ILE B 78 -29.68 -10.66 7.42
C ILE B 78 -30.97 -10.01 6.96
N HIS B 79 -31.87 -9.78 7.91
CA HIS B 79 -33.15 -9.18 7.60
C HIS B 79 -33.01 -7.67 7.65
N PHE B 80 -32.95 -7.07 6.46
CA PHE B 80 -32.68 -5.63 6.33
C PHE B 80 -33.98 -4.86 6.09
N THR B 81 -34.15 -3.79 6.86
CA THR B 81 -35.18 -2.79 6.60
C THR B 81 -34.56 -1.40 6.49
N ASN B 82 -34.95 -0.67 5.45
CA ASN B 82 -34.51 0.71 5.29
C ASN B 82 -35.52 1.66 5.95
N ALA B 83 -35.14 2.26 7.07
CA ALA B 83 -35.99 3.26 7.73
C ALA B 83 -35.43 4.67 7.52
N GLY B 84 -34.50 4.80 6.59
CA GLY B 84 -33.91 6.11 6.25
C GLY B 84 -34.69 6.84 5.17
N ALA B 85 -34.25 8.06 4.85
CA ALA B 85 -34.90 8.90 3.84
C ALA B 85 -34.40 8.66 2.41
N HIS B 86 -33.28 7.96 2.29
CA HIS B 86 -32.66 7.64 0.99
C HIS B 86 -32.66 6.12 0.75
N PRO B 87 -32.59 5.69 -0.52
CA PRO B 87 -32.45 4.25 -0.77
C PRO B 87 -31.08 3.77 -0.25
N HIS B 88 -31.02 2.52 0.19
CA HIS B 88 -29.80 1.93 0.73
C HIS B 88 -29.73 0.44 0.41
N THR B 89 -28.56 -0.16 0.60
CA THR B 89 -28.44 -1.61 0.47
C THR B 89 -27.49 -2.07 1.57
N ILE B 90 -27.30 -3.38 1.66
CA ILE B 90 -26.14 -3.92 2.34
C ILE B 90 -25.36 -4.78 1.36
N HIS B 91 -24.12 -4.36 1.12
CA HIS B 91 -23.20 -5.15 0.33
C HIS B 91 -22.19 -5.79 1.27
N PHE B 92 -22.13 -7.12 1.24
CA PHE B 92 -21.18 -7.89 2.04
C PHE B 92 -19.92 -8.27 1.26
N HIS B 93 -18.78 -8.19 1.94
CA HIS B 93 -17.54 -8.78 1.45
C HIS B 93 -17.53 -10.22 1.95
N GLY B 94 -17.78 -11.16 1.05
CA GLY B 94 -17.95 -12.56 1.38
C GLY B 94 -18.48 -13.21 0.11
N VAL B 95 -18.55 -14.53 0.09
CA VAL B 95 -19.01 -15.24 -1.08
C VAL B 95 -20.53 -15.39 -1.02
N HIS B 96 -21.20 -15.00 -2.10
CA HIS B 96 -22.65 -15.09 -2.18
C HIS B 96 -23.16 -15.01 -3.63
N ARG B 97 -24.44 -15.35 -3.83
CA ARG B 97 -25.10 -15.25 -5.11
C ARG B 97 -25.26 -13.78 -5.50
N ALA B 98 -25.37 -13.55 -6.81
CA ALA B 98 -25.49 -12.19 -7.36
C ALA B 98 -26.71 -11.43 -6.82
N THR B 99 -27.83 -12.12 -6.65
CA THR B 99 -29.05 -11.47 -6.12
C THR B 99 -28.96 -11.07 -4.66
N MET B 100 -27.94 -11.57 -3.97
CA MET B 100 -27.72 -11.31 -2.54
C MET B 100 -26.56 -10.33 -2.32
N ASP B 101 -26.17 -9.63 -3.37
CA ASP B 101 -24.94 -8.82 -3.40
C ASP B 101 -25.14 -7.35 -3.02
N GLY B 102 -26.41 -6.94 -2.85
CA GLY B 102 -26.73 -5.57 -2.49
C GLY B 102 -26.27 -4.53 -3.51
N THR B 103 -26.27 -4.89 -4.78
CA THR B 103 -25.87 -3.98 -5.85
C THR B 103 -27.10 -3.50 -6.63
N PRO B 104 -27.33 -2.18 -6.70
CA PRO B 104 -28.46 -1.61 -7.44
C PRO B 104 -28.52 -2.13 -8.87
N GLY B 105 -29.72 -2.52 -9.30
CA GLY B 105 -29.93 -3.05 -10.64
C GLY B 105 -29.75 -4.55 -10.77
N ILE B 106 -29.23 -5.19 -9.74
CA ILE B 106 -29.11 -6.65 -9.72
C ILE B 106 -30.03 -7.23 -8.65
N GLY B 107 -31.01 -8.02 -9.08
CA GLY B 107 -31.99 -8.58 -8.17
C GLY B 107 -32.82 -7.47 -7.55
N ALA B 108 -33.04 -7.55 -6.23
CA ALA B 108 -33.82 -6.53 -5.53
C ALA B 108 -33.12 -5.17 -5.58
N GLY B 109 -31.80 -5.19 -5.75
CA GLY B 109 -31.02 -3.97 -5.90
C GLY B 109 -31.21 -2.98 -4.78
N SER B 110 -31.45 -1.72 -5.15
CA SER B 110 -31.68 -0.64 -4.18
C SER B 110 -32.91 -0.95 -3.34
N ILE B 111 -32.78 -0.76 -2.03
CA ILE B 111 -33.90 -0.93 -1.10
C ILE B 111 -34.45 0.47 -0.79
N ALA B 112 -35.63 0.76 -1.33
CA ALA B 112 -36.23 2.09 -1.20
C ALA B 112 -36.60 2.38 0.26
N PRO B 113 -36.71 3.67 0.64
CA PRO B 113 -37.17 3.99 1.99
C PRO B 113 -38.44 3.23 2.33
N GLY B 114 -38.45 2.61 3.50
CA GLY B 114 -39.59 1.83 3.97
C GLY B 114 -39.61 0.35 3.60
N GLN B 115 -38.81 -0.05 2.61
CA GLN B 115 -38.83 -1.44 2.14
C GLN B 115 -37.82 -2.33 2.87
N SER B 116 -38.03 -3.64 2.75
CA SER B 116 -37.24 -4.68 3.43
C SER B 116 -36.71 -5.71 2.42
N PHE B 117 -35.63 -6.38 2.80
CA PHE B 117 -35.06 -7.50 2.03
C PHE B 117 -34.22 -8.39 2.96
N THR B 118 -34.30 -9.70 2.76
CA THR B 118 -33.47 -10.64 3.52
C THR B 118 -32.31 -11.14 2.67
N TYR B 119 -31.10 -10.80 3.09
CA TYR B 119 -29.88 -11.29 2.45
C TYR B 119 -29.54 -12.67 2.99
N GLU B 120 -29.37 -13.63 2.09
CA GLU B 120 -29.07 -15.00 2.47
C GLU B 120 -27.78 -15.44 1.80
N PHE B 121 -26.90 -16.03 2.60
CA PHE B 121 -25.68 -16.66 2.10
C PHE B 121 -25.05 -17.48 3.20
N ASP B 122 -24.00 -18.22 2.84
CA ASP B 122 -23.25 -18.99 3.82
C ASP B 122 -22.10 -18.16 4.38
N ALA B 123 -21.67 -18.47 5.60
CA ALA B 123 -20.52 -17.81 6.21
C ALA B 123 -19.23 -18.39 5.62
N THR B 124 -18.78 -17.80 4.53
CA THR B 124 -17.61 -18.30 3.80
C THR B 124 -16.99 -17.19 2.94
N PRO B 125 -15.65 -17.17 2.82
CA PRO B 125 -14.66 -17.99 3.49
C PRO B 125 -14.47 -17.48 4.91
N PHE B 126 -13.77 -18.25 5.75
CA PHE B 126 -13.43 -17.73 7.06
C PHE B 126 -12.45 -16.57 6.89
N GLY B 127 -12.53 -15.63 7.82
CA GLY B 127 -11.69 -14.45 7.81
C GLY B 127 -12.36 -13.25 8.43
N THR B 128 -11.70 -12.10 8.27
CA THR B 128 -12.18 -10.83 8.78
C THR B 128 -12.68 -10.03 7.58
N HIS B 129 -13.98 -9.75 7.61
CA HIS B 129 -14.65 -9.13 6.47
C HIS B 129 -15.43 -7.91 6.95
N LEU B 130 -16.30 -7.40 6.09
CA LEU B 130 -17.06 -6.20 6.38
C LEU B 130 -18.26 -6.12 5.45
N TYR B 131 -19.14 -5.15 5.71
CA TYR B 131 -20.29 -4.89 4.86
C TYR B 131 -20.48 -3.37 4.88
N HIS B 132 -21.11 -2.85 3.83
CA HIS B 132 -21.41 -1.43 3.72
C HIS B 132 -22.46 -1.19 2.65
N CYS B 133 -23.04 0.02 2.65
CA CYS B 133 -24.02 0.36 1.64
C CYS B 133 -23.36 0.42 0.26
N HIS B 134 -24.11 0.07 -0.77
CA HIS B 134 -23.60 0.15 -2.14
C HIS B 134 -24.50 0.96 -3.09
N GLN B 135 -25.25 1.89 -2.50
CA GLN B 135 -26.10 2.81 -3.26
C GLN B 135 -25.27 3.96 -3.86
N SER B 136 -25.56 4.35 -5.09
CA SER B 136 -24.94 5.54 -5.67
C SER B 136 -25.68 6.80 -5.26
N PRO B 137 -24.97 7.92 -5.00
CA PRO B 137 -23.50 8.07 -5.07
C PRO B 137 -22.77 7.34 -3.97
N LEU B 138 -21.76 6.56 -4.35
CA LEU B 138 -21.06 5.65 -3.42
C LEU B 138 -20.35 6.31 -2.24
N ALA B 139 -19.71 7.45 -2.48
CA ALA B 139 -18.90 8.09 -1.45
C ALA B 139 -19.70 8.46 -0.19
N PRO B 140 -20.79 9.25 -0.34
CA PRO B 140 -21.59 9.59 0.84
C PRO B 140 -22.24 8.36 1.49
N HIS B 141 -22.67 7.41 0.69
CA HIS B 141 -23.35 6.23 1.23
C HIS B 141 -22.47 5.37 2.15
N ILE B 142 -21.17 5.30 1.87
CA ILE B 142 -20.24 4.70 2.83
C ILE B 142 -19.85 5.72 3.90
N ALA B 143 -19.47 6.92 3.48
CA ALA B 143 -18.86 7.90 4.39
C ALA B 143 -19.81 8.41 5.47
N LYS B 144 -21.11 8.38 5.19
CA LYS B 144 -22.10 8.88 6.15
C LYS B 144 -22.37 7.89 7.28
N GLY B 145 -21.85 6.67 7.17
CA GLY B 145 -21.80 5.75 8.31
C GLY B 145 -22.29 4.33 8.10
N LEU B 146 -22.68 3.99 6.88
CA LEU B 146 -23.25 2.68 6.60
C LEU B 146 -22.18 1.64 6.32
N TYR B 147 -21.53 1.15 7.38
CA TYR B 147 -20.55 0.07 7.31
C TYR B 147 -20.46 -0.65 8.63
N GLY B 148 -19.97 -1.89 8.60
CA GLY B 148 -19.67 -2.61 9.82
C GLY B 148 -18.82 -3.82 9.56
N GLY B 149 -18.37 -4.45 10.65
CA GLY B 149 -17.54 -5.65 10.57
C GLY B 149 -18.33 -6.94 10.38
N PHE B 150 -17.67 -7.92 9.77
CA PHE B 150 -18.29 -9.22 9.53
C PHE B 150 -17.19 -10.27 9.73
N ILE B 151 -17.24 -10.95 10.86
CA ILE B 151 -16.19 -11.88 11.27
C ILE B 151 -16.67 -13.31 11.12
N VAL B 152 -15.92 -14.09 10.33
CA VAL B 152 -16.20 -15.51 10.17
C VAL B 152 -15.05 -16.35 10.76
N GLU B 153 -15.35 -17.05 11.84
CA GLU B 153 -14.34 -17.87 12.52
C GLU B 153 -14.16 -19.19 11.76
N PRO B 154 -12.90 -19.62 11.55
CA PRO B 154 -12.66 -20.90 10.86
C PRO B 154 -13.32 -22.08 11.57
N LYS B 155 -13.73 -23.07 10.78
CA LYS B 155 -14.50 -24.22 11.28
C LYS B 155 -13.86 -24.95 12.48
N GLU B 156 -12.56 -25.23 12.40
CA GLU B 156 -11.87 -25.90 13.52
C GLU B 156 -11.39 -24.89 14.57
N GLY B 157 -11.65 -23.60 14.32
CA GLY B 157 -11.37 -22.54 15.29
C GLY B 157 -9.99 -21.93 15.18
N ARG B 158 -9.74 -20.91 16.01
CA ARG B 158 -8.40 -20.36 16.18
C ARG B 158 -7.93 -20.65 17.59
N PRO B 159 -6.60 -20.67 17.81
CA PRO B 159 -6.14 -20.74 19.20
C PRO B 159 -6.78 -19.59 19.99
N PRO B 160 -7.22 -19.87 21.23
CA PRO B 160 -8.06 -18.88 21.92
C PRO B 160 -7.29 -17.60 22.28
N ALA B 161 -7.95 -16.47 22.12
CA ALA B 161 -7.41 -15.18 22.50
C ALA B 161 -7.86 -14.88 23.93
N ASP B 162 -7.03 -14.13 24.66
CA ASP B 162 -7.40 -13.67 25.99
C ASP B 162 -8.28 -12.43 25.92
N ASP B 163 -8.08 -11.62 24.87
CA ASP B 163 -8.85 -10.40 24.66
C ASP B 163 -9.01 -10.21 23.16
N GLU B 164 -10.22 -10.43 22.64
CA GLU B 164 -10.51 -10.25 21.21
C GLU B 164 -11.33 -8.98 20.97
N MET B 165 -10.92 -8.19 20.01
CA MET B 165 -11.57 -6.90 19.76
C MET B 165 -11.66 -6.55 18.28
N VAL B 166 -12.53 -5.60 17.97
CA VAL B 166 -12.71 -5.10 16.60
C VAL B 166 -12.39 -3.62 16.60
N MET B 167 -11.62 -3.17 15.61
CA MET B 167 -11.31 -1.76 15.44
C MET B 167 -11.60 -1.32 14.00
N VAL B 168 -12.61 -0.48 13.83
CA VAL B 168 -13.00 0.03 12.53
C VAL B 168 -12.48 1.46 12.42
N MET B 169 -11.63 1.72 11.42
CA MET B 169 -11.02 3.02 11.22
C MET B 169 -11.85 3.79 10.20
N ASN B 170 -12.27 5.00 10.57
CA ASN B 170 -13.10 5.78 9.68
C ASN B 170 -12.69 7.26 9.61
N GLY B 171 -13.46 8.01 8.82
CA GLY B 171 -13.33 9.45 8.75
C GLY B 171 -14.70 10.09 8.70
N TYR B 172 -14.72 11.37 9.04
CA TYR B 172 -15.93 12.17 8.98
C TYR B 172 -15.72 13.40 8.14
N ASN B 173 -16.52 13.51 7.07
CA ASN B 173 -16.57 14.69 6.23
C ASN B 173 -17.73 15.54 6.70
N THR B 174 -17.42 16.51 7.54
CA THR B 174 -18.43 17.31 8.22
C THR B 174 -18.85 18.55 7.42
N ASP B 175 -18.01 18.96 6.47
CA ASP B 175 -18.22 20.22 5.74
C ASP B 175 -18.24 20.08 4.20
N GLY B 176 -17.91 21.19 3.53
CA GLY B 176 -18.06 21.34 2.09
C GLY B 176 -17.32 20.36 1.21
N GLY B 177 -15.99 20.52 1.12
CA GLY B 177 -15.17 19.68 0.22
C GLY B 177 -15.18 18.19 0.51
N ASP B 178 -14.80 17.41 -0.49
CA ASP B 178 -14.66 15.94 -0.39
C ASP B 178 -13.33 15.57 0.30
N ASP B 179 -13.24 15.94 1.57
CA ASP B 179 -12.07 15.66 2.39
C ASP B 179 -12.57 15.48 3.82
N ASN B 180 -11.78 14.79 4.62
CA ASN B 180 -12.16 14.51 6.00
C ASN B 180 -11.69 15.57 6.97
N GLU B 181 -12.56 15.92 7.91
CA GLU B 181 -12.24 16.87 8.99
C GLU B 181 -11.85 16.17 10.29
N PHE B 182 -12.33 14.94 10.47
CA PHE B 182 -11.99 14.13 11.64
C PHE B 182 -11.77 12.67 11.26
N TYR B 183 -11.11 11.94 12.15
CA TYR B 183 -10.84 10.52 11.96
C TYR B 183 -11.06 9.82 13.27
N SER B 184 -11.42 8.54 13.25
CA SER B 184 -11.56 7.78 14.49
C SER B 184 -11.33 6.28 14.33
N VAL B 185 -11.17 5.61 15.46
CA VAL B 185 -11.37 4.17 15.55
C VAL B 185 -12.65 3.94 16.37
N ASN B 186 -13.58 3.20 15.79
CA ASN B 186 -14.86 2.84 16.43
C ASN B 186 -15.81 3.98 16.78
N GLY B 187 -15.69 5.09 16.05
CA GLY B 187 -16.76 6.10 16.02
C GLY B 187 -16.45 7.49 16.53
N LEU B 188 -15.61 7.60 17.56
CA LEU B 188 -15.36 8.90 18.19
C LEU B 188 -13.91 9.36 18.17
N PRO B 189 -13.62 10.48 17.48
CA PRO B 189 -12.29 11.07 17.55
C PRO B 189 -11.76 11.17 18.97
N PHE B 190 -10.53 10.68 19.16
CA PHE B 190 -9.77 10.75 20.43
C PHE B 190 -10.34 9.98 21.64
N HIS B 191 -11.40 9.21 21.43
CA HIS B 191 -12.06 8.50 22.54
C HIS B 191 -11.07 7.71 23.40
N PHE B 192 -10.21 6.96 22.73
CA PHE B 192 -9.28 6.07 23.43
C PHE B 192 -8.08 6.79 24.03
N MET B 193 -8.01 8.10 23.85
CA MET B 193 -7.05 8.94 24.59
C MET B 193 -7.54 9.14 26.02
N ASP B 194 -8.85 9.34 26.16
CA ASP B 194 -9.51 9.57 27.45
C ASP B 194 -9.92 8.28 28.14
N PHE B 195 -10.19 7.24 27.34
CA PHE B 195 -10.58 5.93 27.85
C PHE B 195 -9.73 4.85 27.17
N PRO B 196 -8.49 4.67 27.66
CA PRO B 196 -7.54 3.75 27.02
C PRO B 196 -8.04 2.31 26.98
N VAL B 197 -7.58 1.56 25.98
CA VAL B 197 -7.92 0.15 25.86
C VAL B 197 -7.22 -0.63 26.95
N LYS B 198 -8.00 -1.22 27.85
CA LYS B 198 -7.44 -1.96 28.97
C LYS B 198 -7.09 -3.38 28.57
N VAL B 199 -5.80 -3.71 28.68
CA VAL B 199 -5.31 -5.07 28.42
C VAL B 199 -4.37 -5.52 29.53
N LYS B 200 -4.20 -6.83 29.67
CA LYS B 200 -3.31 -7.39 30.68
C LYS B 200 -1.97 -7.77 30.07
N GLN B 201 -0.90 -7.48 30.79
CA GLN B 201 0.46 -7.86 30.40
C GLN B 201 0.53 -9.36 30.06
N HIS B 202 1.21 -9.68 28.96
CA HIS B 202 1.47 -11.07 28.53
C HIS B 202 0.29 -11.82 27.92
N GLU B 203 -0.92 -11.28 28.02
CA GLU B 203 -2.11 -11.96 27.47
C GLU B 203 -2.16 -11.80 25.94
N LEU B 204 -2.73 -12.78 25.26
CA LEU B 204 -2.91 -12.72 23.79
C LEU B 204 -4.06 -11.79 23.45
N VAL B 205 -3.73 -10.70 22.75
CA VAL B 205 -4.71 -9.74 22.26
C VAL B 205 -4.88 -9.95 20.74
N ARG B 206 -6.12 -10.14 20.30
CA ARG B 206 -6.41 -10.30 18.87
C ARG B 206 -7.33 -9.17 18.40
N ILE B 207 -6.87 -8.41 17.41
CA ILE B 207 -7.62 -7.24 16.93
C ILE B 207 -8.03 -7.46 15.48
N HIS B 208 -9.32 -7.34 15.21
CA HIS B 208 -9.84 -7.35 13.85
C HIS B 208 -9.87 -5.91 13.40
N LEU B 209 -8.93 -5.54 12.53
CA LEU B 209 -8.74 -4.16 12.11
C LEU B 209 -9.27 -3.96 10.71
N ILE B 210 -10.25 -3.07 10.58
CA ILE B 210 -10.96 -2.82 9.33
C ILE B 210 -10.86 -1.35 8.92
N ASN B 211 -10.39 -1.09 7.70
CA ASN B 211 -10.39 0.27 7.17
C ASN B 211 -11.57 0.59 6.27
N VAL B 212 -12.40 1.54 6.69
CA VAL B 212 -13.51 2.01 5.85
C VAL B 212 -13.35 3.48 5.42
N LEU B 213 -12.21 4.07 5.79
CA LEU B 213 -11.91 5.46 5.45
C LEU B 213 -12.12 5.82 3.96
N GLU B 214 -12.99 6.80 3.75
CA GLU B 214 -13.30 7.33 2.42
C GLU B 214 -12.41 8.54 2.10
N TYR B 215 -12.30 8.86 0.81
CA TYR B 215 -11.60 10.05 0.29
C TYR B 215 -10.06 9.92 0.30
N ASP B 216 -9.49 9.70 1.48
CA ASP B 216 -8.05 9.43 1.61
C ASP B 216 -7.79 8.01 1.12
N PRO B 217 -6.76 7.84 0.26
CA PRO B 217 -6.53 6.52 -0.37
C PRO B 217 -6.01 5.41 0.56
N ILE B 218 -5.37 5.77 1.66
CA ILE B 218 -4.77 4.76 2.54
C ILE B 218 -4.77 5.18 4.01
N ASN B 219 -4.90 4.18 4.87
CA ASN B 219 -4.84 4.40 6.32
C ASN B 219 -3.74 3.54 6.90
N SER B 220 -3.39 3.77 8.15
CA SER B 220 -2.37 2.96 8.78
C SER B 220 -2.63 2.81 10.26
N PHE B 221 -1.87 1.90 10.86
CA PHE B 221 -1.99 1.53 12.26
C PHE B 221 -0.58 1.30 12.77
N HIS B 222 -0.27 1.96 13.88
CA HIS B 222 1.02 1.76 14.53
C HIS B 222 0.79 1.71 16.04
N ILE B 223 1.53 0.84 16.72
CA ILE B 223 1.47 0.73 18.16
C ILE B 223 2.88 0.96 18.75
N HIS B 224 2.95 1.86 19.73
CA HIS B 224 4.22 2.16 20.40
C HIS B 224 4.76 0.98 21.17
N GLY B 225 6.07 0.76 21.06
CA GLY B 225 6.80 -0.17 21.94
C GLY B 225 6.42 -1.62 21.79
N ASN B 226 5.62 -1.93 20.77
CA ASN B 226 5.07 -3.26 20.58
C ASN B 226 5.08 -3.70 19.13
N PHE B 227 5.11 -5.03 18.93
CA PHE B 227 5.07 -5.65 17.60
C PHE B 227 3.97 -6.68 17.56
N PHE B 228 3.31 -6.79 16.40
CA PHE B 228 2.21 -7.73 16.25
C PHE B 228 2.42 -8.60 15.02
N HIS B 229 1.84 -9.79 15.04
CA HIS B 229 1.73 -10.61 13.84
C HIS B 229 0.49 -10.19 13.07
N TYR B 230 0.64 -10.02 11.75
CA TYR B 230 -0.48 -9.56 10.92
C TYR B 230 -0.95 -10.63 9.96
N TYR B 231 -2.28 -10.81 9.89
CA TYR B 231 -2.92 -11.78 9.02
C TYR B 231 -3.88 -11.02 8.09
N PRO B 232 -3.40 -10.70 6.87
CA PRO B 232 -4.20 -10.00 5.89
C PRO B 232 -5.53 -10.70 5.65
N THR B 233 -6.61 -9.95 5.79
CA THR B 233 -7.99 -10.43 5.58
C THR B 233 -8.38 -11.56 6.57
N GLY B 234 -7.47 -11.91 7.47
CA GLY B 234 -7.68 -13.03 8.41
C GLY B 234 -7.99 -14.36 7.75
N THR B 235 -7.59 -14.52 6.50
CA THR B 235 -7.99 -15.69 5.71
C THR B 235 -6.99 -16.86 5.79
N MET B 236 -5.84 -16.64 6.43
CA MET B 236 -4.80 -17.66 6.53
C MET B 236 -4.43 -17.88 7.99
N LEU B 237 -4.04 -19.11 8.35
CA LEU B 237 -3.73 -19.42 9.74
C LEU B 237 -2.29 -19.07 10.13
N THR B 238 -1.44 -18.84 9.13
CA THR B 238 -0.08 -18.37 9.32
C THR B 238 0.04 -16.86 9.00
N PRO B 239 0.79 -16.10 9.82
CA PRO B 239 0.90 -14.65 9.59
C PRO B 239 1.78 -14.28 8.40
N SER B 240 1.50 -13.14 7.78
CA SER B 240 2.28 -12.65 6.66
C SER B 240 3.43 -11.76 7.12
N GLU B 241 3.25 -11.07 8.24
CA GLU B 241 4.20 -10.05 8.68
C GLU B 241 4.31 -10.04 10.19
N TYR B 242 5.47 -9.60 10.69
CA TYR B 242 5.67 -9.29 12.10
C TYR B 242 6.23 -7.86 12.14
N THR B 243 5.43 -6.94 12.67
CA THR B 243 5.73 -5.52 12.50
C THR B 243 5.03 -4.65 13.54
N ASP B 244 5.33 -3.35 13.54
CA ASP B 244 4.63 -2.40 14.41
C ASP B 244 3.76 -1.41 13.64
N THR B 245 3.81 -1.47 12.31
CA THR B 245 3.09 -0.53 11.44
C THR B 245 2.52 -1.29 10.23
N ILE B 246 1.24 -1.11 9.96
CA ILE B 246 0.59 -1.76 8.81
C ILE B 246 -0.29 -0.74 8.09
N SER B 247 -0.49 -0.94 6.77
CA SER B 247 -1.32 -0.05 5.96
C SER B 247 -2.49 -0.83 5.37
N GLN B 248 -3.59 -0.12 5.12
CA GLN B 248 -4.78 -0.68 4.50
C GLN B 248 -5.44 0.38 3.63
N VAL B 249 -5.78 0.03 2.40
CA VAL B 249 -6.62 0.93 1.60
C VAL B 249 -8.06 0.67 2.04
N GLN B 250 -9.02 1.47 1.55
CA GLN B 250 -10.40 1.21 1.90
C GLN B 250 -10.82 -0.21 1.47
N GLY B 251 -11.44 -0.95 2.38
CA GLY B 251 -11.88 -2.31 2.10
C GLY B 251 -10.88 -3.38 2.50
N GLN B 252 -9.64 -2.97 2.80
CA GLN B 252 -8.68 -3.90 3.36
C GLN B 252 -8.86 -3.99 4.87
N ARG B 253 -8.51 -5.14 5.40
CA ARG B 253 -8.70 -5.47 6.81
C ARG B 253 -7.85 -6.68 7.12
N GLY B 254 -7.66 -6.95 8.41
CA GLY B 254 -6.84 -8.08 8.80
C GLY B 254 -6.91 -8.29 10.29
N ILE B 255 -6.19 -9.30 10.75
CA ILE B 255 -6.09 -9.61 12.18
C ILE B 255 -4.69 -9.27 12.66
N LEU B 256 -4.61 -8.59 13.79
CA LEU B 256 -3.34 -8.38 14.46
C LEU B 256 -3.35 -9.18 15.74
N GLU B 257 -2.23 -9.84 16.02
CA GLU B 257 -2.07 -10.59 17.27
C GLU B 257 -0.80 -10.16 18.01
N LEU B 258 -0.93 -9.88 19.29
CA LEU B 258 0.22 -9.48 20.09
C LEU B 258 0.04 -9.75 21.58
N ARG B 259 1.18 -9.77 22.27
CA ARG B 259 1.22 -9.87 23.72
C ARG B 259 2.07 -8.71 24.18
N PHE B 260 1.52 -7.89 25.07
CA PHE B 260 2.23 -6.74 25.61
C PHE B 260 3.17 -7.22 26.73
N PRO B 261 4.50 -7.03 26.55
CA PRO B 261 5.48 -7.51 27.54
C PRO B 261 5.72 -6.57 28.73
N TYR B 262 5.22 -5.33 28.66
CA TYR B 262 5.41 -4.35 29.74
C TYR B 262 4.12 -3.62 30.11
N PRO B 263 3.94 -3.31 31.40
CA PRO B 263 2.77 -2.53 31.81
C PRO B 263 2.95 -1.04 31.48
N GLY B 264 1.85 -0.29 31.46
CA GLY B 264 1.89 1.14 31.21
C GLY B 264 1.03 1.57 30.03
N LYS B 265 1.18 2.84 29.65
CA LYS B 265 0.43 3.39 28.52
C LYS B 265 1.27 3.33 27.26
N PHE B 266 0.70 2.73 26.21
CA PHE B 266 1.36 2.68 24.91
C PHE B 266 0.42 3.26 23.86
N MET B 267 0.87 4.33 23.20
CA MET B 267 0.07 5.00 22.19
C MET B 267 -0.18 4.09 20.97
N PHE B 268 -1.38 4.20 20.39
CA PHE B 268 -1.64 3.66 19.06
C PHE B 268 -2.39 4.69 18.24
N HIS B 269 -2.13 4.69 16.94
CA HIS B 269 -2.61 5.74 16.06
C HIS B 269 -2.20 5.45 14.62
N ALA B 270 -2.83 6.15 13.68
CA ALA B 270 -2.39 6.18 12.29
C ALA B 270 -0.97 6.71 12.23
N HIS B 271 -0.12 6.09 11.42
CA HIS B 271 1.20 6.66 11.19
C HIS B 271 1.13 7.71 10.06
N LYS B 272 -0.09 8.05 9.64
CA LYS B 272 -0.34 9.24 8.84
C LYS B 272 -0.65 10.35 9.84
N THR B 273 0.33 11.24 10.02
CA THR B 273 0.30 12.24 11.08
C THR B 273 -0.98 13.06 11.12
N GLU B 274 -1.47 13.49 9.95
CA GLU B 274 -2.65 14.33 9.90
C GLU B 274 -3.90 13.63 10.44
N PHE B 275 -4.01 12.31 10.23
CA PHE B 275 -5.15 11.53 10.72
C PHE B 275 -5.12 11.44 12.24
N ALA B 276 -3.94 11.18 12.79
CA ALA B 276 -3.77 11.02 14.23
C ALA B 276 -4.16 12.30 14.97
N GLU B 277 -3.67 13.43 14.47
CA GLU B 277 -3.93 14.74 15.08
C GLU B 277 -5.38 15.21 14.94
N LEU B 278 -6.14 14.55 14.07
CA LEU B 278 -7.57 14.86 13.90
C LEU B 278 -8.50 13.76 14.41
N GLY B 279 -7.97 12.86 15.24
CA GLY B 279 -8.80 11.92 15.98
C GLY B 279 -8.39 10.47 16.08
N TRP B 280 -7.56 10.00 15.15
CA TRP B 280 -7.17 8.60 15.06
C TRP B 280 -5.92 8.40 15.92
N MET B 281 -6.13 8.41 17.23
CA MET B 281 -5.08 8.33 18.22
C MET B 281 -5.70 7.81 19.51
N GLY B 282 -5.01 6.89 20.17
CA GLY B 282 -5.48 6.33 21.43
C GLY B 282 -4.35 5.76 22.25
N PHE B 283 -4.67 5.19 23.41
CA PHE B 283 -3.70 4.49 24.23
C PHE B 283 -4.19 3.09 24.54
N PHE B 284 -3.24 2.17 24.68
CA PHE B 284 -3.48 0.92 25.39
C PHE B 284 -2.99 1.13 26.81
N GLU B 285 -3.79 0.70 27.79
CA GLU B 285 -3.37 0.72 29.18
C GLU B 285 -3.12 -0.73 29.62
N VAL B 286 -1.87 -1.08 29.80
CA VAL B 286 -1.48 -2.45 30.10
C VAL B 286 -1.29 -2.61 31.61
N SER B 287 -2.11 -3.47 32.22
CA SER B 287 -2.08 -3.68 33.67
C SER B 287 -1.15 -4.83 34.02
N SER C 3 22.48 17.23 -5.98
CA SER C 3 23.19 18.14 -6.92
C SER C 3 23.98 19.23 -6.20
N VAL C 4 23.52 19.65 -5.03
CA VAL C 4 24.36 20.49 -4.15
C VAL C 4 25.49 19.62 -3.61
N LEU C 5 26.71 20.11 -3.77
CA LEU C 5 27.89 19.37 -3.28
C LEU C 5 27.80 19.17 -1.77
N ALA C 6 28.18 17.98 -1.32
CA ALA C 6 28.07 17.57 0.08
C ALA C 6 28.68 18.59 1.04
N GLU C 7 29.87 19.07 0.71
CA GLU C 7 30.58 20.03 1.56
C GLU C 7 29.78 21.30 1.78
N ARG C 8 29.11 21.76 0.72
CA ARG C 8 28.28 22.96 0.79
C ARG C 8 26.92 22.70 1.45
N ALA C 9 26.34 21.53 1.14
CA ALA C 9 25.01 21.16 1.66
C ALA C 9 24.99 20.89 3.16
N GLY C 10 26.07 20.31 3.66
CA GLY C 10 26.15 19.90 5.06
C GLY C 10 25.74 18.46 5.29
N ILE C 11 25.37 17.77 4.21
CA ILE C 11 25.00 16.35 4.25
C ILE C 11 25.78 15.60 3.17
N ASP C 12 26.31 14.43 3.52
CA ASP C 12 26.96 13.55 2.55
C ASP C 12 26.21 12.20 2.46
N PRO C 13 25.25 12.10 1.53
CA PRO C 13 24.44 10.89 1.40
C PRO C 13 25.24 9.64 1.09
N THR C 14 26.32 9.77 0.31
CA THR C 14 27.20 8.63 0.00
C THR C 14 27.82 8.05 1.28
N ALA C 15 28.31 8.94 2.15
CA ALA C 15 28.87 8.52 3.44
C ALA C 15 27.81 7.84 4.31
N ILE C 16 26.64 8.47 4.43
CA ILE C 16 25.52 7.96 5.23
C ILE C 16 25.11 6.55 4.81
N LEU C 17 25.25 6.28 3.53
CA LEU C 17 24.82 5.02 2.92
C LEU C 17 25.42 3.78 3.61
N ARG C 18 26.67 3.88 4.04
CA ARG C 18 27.33 2.72 4.66
C ARG C 18 27.88 3.02 6.05
N ASP C 19 27.37 4.08 6.65
CA ASP C 19 27.83 4.58 7.95
C ASP C 19 26.95 4.01 9.08
N PHE C 20 27.27 2.78 9.49
CA PHE C 20 26.52 2.12 10.56
C PHE C 20 27.21 2.35 11.89
N ASP C 21 26.49 2.99 12.82
CA ASP C 21 27.03 3.33 14.14
C ASP C 21 26.73 2.21 15.13
N ARG C 22 27.72 1.36 15.35
CA ARG C 22 27.59 0.20 16.24
C ARG C 22 27.75 0.57 17.72
N GLY C 23 27.99 1.85 17.98
CA GLY C 23 28.15 2.37 19.35
C GLY C 23 29.42 1.88 20.02
N ARG C 24 29.64 2.32 21.26
CA ARG C 24 30.76 1.79 22.04
C ARG C 24 30.26 0.65 22.92
N THR C 25 30.97 -0.47 22.83
CA THR C 25 30.54 -1.71 23.47
C THR C 25 31.35 -2.01 24.73
N SER C 26 30.69 -2.65 25.68
CA SER C 26 31.32 -3.17 26.89
C SER C 26 30.53 -4.37 27.37
N THR C 27 31.11 -5.17 28.26
CA THR C 27 30.45 -6.35 28.78
C THR C 27 29.84 -6.05 30.15
N LEU C 28 28.56 -6.37 30.29
CA LEU C 28 27.86 -6.22 31.56
C LEU C 28 28.22 -7.38 32.50
N PRO C 29 28.00 -7.22 33.83
CA PRO C 29 28.29 -8.30 34.78
C PRO C 29 27.32 -9.48 34.66
N ASP C 30 26.75 -9.66 33.48
CA ASP C 30 25.79 -10.72 33.20
C ASP C 30 26.17 -11.43 31.90
N GLY C 31 27.17 -10.87 31.21
CA GLY C 31 27.71 -11.46 29.98
C GLY C 31 27.26 -10.71 28.73
N ARG C 32 26.09 -10.08 28.82
CA ARG C 32 25.50 -9.33 27.71
C ARG C 32 26.35 -8.11 27.32
N THR C 33 26.21 -7.70 26.06
CA THR C 33 26.91 -6.54 25.55
C THR C 33 26.08 -5.28 25.78
N LEU C 34 26.76 -4.23 26.24
CA LEU C 34 26.18 -2.90 26.36
C LEU C 34 26.64 -2.06 25.17
N ARG C 35 25.70 -1.40 24.51
CA ARG C 35 26.00 -0.44 23.44
C ARG C 35 25.50 0.92 23.82
N GLU C 36 26.35 1.92 23.63
CA GLU C 36 26.07 3.30 24.04
C GLU C 36 26.27 4.26 22.89
N TRP C 37 25.36 5.23 22.78
CA TRP C 37 25.48 6.34 21.84
C TRP C 37 25.16 7.65 22.55
N ASP C 38 25.76 8.73 22.07
CA ASP C 38 25.32 10.08 22.41
C ASP C 38 24.65 10.67 21.19
N ILE C 39 23.48 11.25 21.41
CA ILE C 39 22.72 11.90 20.35
C ILE C 39 22.26 13.27 20.84
N VAL C 40 22.63 14.30 20.09
CA VAL C 40 22.26 15.67 20.43
C VAL C 40 21.36 16.24 19.33
N ALA C 41 20.16 16.69 19.71
CA ALA C 41 19.29 17.41 18.79
C ALA C 41 19.82 18.84 18.62
N VAL C 42 20.04 19.25 17.37
CA VAL C 42 20.56 20.58 17.08
C VAL C 42 19.89 21.23 15.85
N ASP C 43 19.50 22.49 16.01
CA ASP C 43 18.97 23.29 14.91
C ASP C 43 20.10 23.66 13.97
N LYS C 44 19.92 23.33 12.68
CA LYS C 44 20.96 23.49 11.68
C LYS C 44 20.37 23.78 10.30
N ASP C 45 21.01 24.70 9.57
CA ASP C 45 20.66 24.98 8.18
C ASP C 45 21.35 24.02 7.25
N PHE C 46 20.61 23.57 6.23
CA PHE C 46 21.16 22.69 5.20
C PHE C 46 20.77 23.24 3.82
N GLU C 47 21.73 23.35 2.89
CA GLU C 47 21.41 23.74 1.52
C GLU C 47 21.07 22.48 0.72
N ILE C 48 19.78 22.20 0.61
CA ILE C 48 19.31 20.94 0.00
C ILE C 48 19.18 21.01 -1.53
N ALA C 49 18.99 22.23 -2.03
CA ALA C 49 18.91 22.51 -3.46
C ALA C 49 19.66 23.82 -3.73
N PRO C 50 20.23 23.99 -4.95
CA PRO C 50 20.96 25.23 -5.25
C PRO C 50 20.18 26.47 -4.82
N GLY C 51 20.67 27.14 -3.78
CA GLY C 51 20.03 28.36 -3.26
C GLY C 51 18.86 28.15 -2.31
N ILE C 52 18.56 26.90 -1.98
CA ILE C 52 17.45 26.59 -1.06
C ILE C 52 17.98 26.13 0.28
N ILE C 53 17.87 26.99 1.28
CA ILE C 53 18.31 26.67 2.64
C ILE C 53 17.15 26.14 3.46
N PHE C 54 17.29 24.90 3.92
CA PHE C 54 16.30 24.25 4.77
C PHE C 54 16.69 24.43 6.24
N LYS C 55 15.74 24.95 7.03
CA LYS C 55 15.93 25.13 8.47
C LYS C 55 15.57 23.83 9.14
N GLY C 56 16.56 22.98 9.35
CA GLY C 56 16.35 21.64 9.88
C GLY C 56 16.44 21.52 11.39
N TRP C 57 15.77 20.49 11.92
CA TRP C 57 16.04 20.00 13.26
C TRP C 57 16.69 18.63 13.09
N SER C 58 17.87 18.45 13.64
CA SER C 58 18.66 17.27 13.33
C SER C 58 19.31 16.62 14.55
N TYR C 59 19.39 15.30 14.52
CA TYR C 59 20.15 14.54 15.49
C TYR C 59 21.61 14.49 15.06
N ASN C 60 22.49 15.03 15.90
CA ASN C 60 23.94 15.07 15.65
C ASN C 60 24.36 15.84 14.38
N GLY C 61 23.54 16.81 13.97
CA GLY C 61 23.90 17.72 12.88
C GLY C 61 23.78 17.13 11.49
N ARG C 62 23.05 16.02 11.36
CA ARG C 62 22.85 15.35 10.07
C ARG C 62 21.42 14.93 9.84
N ILE C 63 20.99 14.95 8.56
CA ILE C 63 19.69 14.43 8.14
C ILE C 63 19.93 13.43 7.00
N PRO C 64 19.56 12.15 7.19
CA PRO C 64 18.96 11.54 8.37
C PRO C 64 19.95 11.49 9.53
N GLY C 65 19.46 11.22 10.73
CA GLY C 65 20.31 11.09 11.92
C GLY C 65 21.18 9.85 11.86
N PRO C 66 21.99 9.59 12.90
CA PRO C 66 22.82 8.38 12.96
C PRO C 66 22.03 7.11 12.67
N THR C 67 22.65 6.20 11.92
CA THR C 67 22.08 4.89 11.71
C THR C 67 22.63 3.98 12.80
N LEU C 68 21.81 3.75 13.82
CA LEU C 68 22.18 2.91 14.96
C LEU C 68 22.14 1.43 14.56
N TRP C 69 23.13 0.69 15.02
CA TRP C 69 23.26 -0.75 14.76
C TRP C 69 23.53 -1.48 16.06
N ALA C 70 22.80 -2.57 16.28
CA ALA C 70 22.96 -3.41 17.45
C ALA C 70 22.71 -4.85 17.05
N ARG C 71 23.17 -5.77 17.90
CA ARG C 71 22.84 -7.19 17.75
C ARG C 71 21.66 -7.52 18.67
N GLU C 72 20.78 -8.42 18.21
CA GLU C 72 19.63 -8.86 18.98
C GLU C 72 20.04 -9.25 20.41
N GLY C 73 19.36 -8.69 21.40
CA GLY C 73 19.61 -9.02 22.80
C GLY C 73 20.50 -8.05 23.56
N ASP C 74 21.23 -7.21 22.85
CA ASP C 74 22.14 -6.23 23.46
C ASP C 74 21.37 -5.25 24.34
N ALA C 75 22.01 -4.84 25.44
CA ALA C 75 21.47 -3.75 26.24
C ALA C 75 21.92 -2.44 25.61
N LEU C 76 20.97 -1.53 25.41
CA LEU C 76 21.23 -0.26 24.73
C LEU C 76 21.05 0.93 25.65
N ARG C 77 21.93 1.92 25.49
CA ARG C 77 21.79 3.20 26.15
C ARG C 77 22.00 4.31 25.14
N ILE C 78 21.00 5.17 25.00
CA ILE C 78 21.11 6.35 24.16
C ILE C 78 21.02 7.59 25.02
N HIS C 79 22.16 8.28 25.18
CA HIS C 79 22.22 9.49 25.99
C HIS C 79 21.82 10.68 25.12
N PHE C 80 20.58 11.12 25.29
CA PHE C 80 20.02 12.17 24.46
C PHE C 80 20.11 13.51 25.15
N THR C 81 20.65 14.51 24.44
CA THR C 81 20.68 15.90 24.90
C THR C 81 19.99 16.79 23.88
N ASN C 82 19.05 17.61 24.33
CA ASN C 82 18.36 18.54 23.47
C ASN C 82 19.04 19.91 23.44
N ALA C 83 19.69 20.22 22.32
CA ALA C 83 20.33 21.52 22.13
C ALA C 83 19.51 22.46 21.23
N GLY C 84 18.28 22.06 20.91
CA GLY C 84 17.39 22.86 20.06
C GLY C 84 16.67 23.97 20.80
N ALA C 85 15.91 24.79 20.07
CA ALA C 85 15.13 25.88 20.66
C ALA C 85 13.75 25.40 21.13
N HIS C 86 13.40 24.18 20.72
CA HIS C 86 12.10 23.58 21.01
C HIS C 86 12.29 22.30 21.80
N PRO C 87 11.25 21.86 22.56
CA PRO C 87 11.35 20.55 23.19
C PRO C 87 11.34 19.43 22.12
N HIS C 88 12.11 18.38 22.37
CA HIS C 88 12.13 17.22 21.47
C HIS C 88 12.14 15.93 22.29
N THR C 89 11.93 14.80 21.61
CA THR C 89 12.13 13.48 22.19
C THR C 89 12.86 12.59 21.19
N ILE C 90 13.16 11.36 21.60
CA ILE C 90 13.43 10.29 20.65
C ILE C 90 12.46 9.16 20.94
N HIS C 91 11.63 8.84 19.97
CA HIS C 91 10.75 7.68 20.04
C HIS C 91 11.31 6.57 19.15
N PHE C 92 11.59 5.42 19.74
CA PHE C 92 12.13 4.27 19.02
C PHE C 92 11.04 3.30 18.58
N HIS C 93 11.16 2.82 17.34
CA HIS C 93 10.37 1.67 16.90
C HIS C 93 11.15 0.44 17.38
N GLY C 94 10.56 -0.30 18.31
CA GLY C 94 11.22 -1.43 18.94
C GLY C 94 10.53 -1.66 20.27
N VAL C 95 10.85 -2.76 20.94
CA VAL C 95 10.18 -3.11 22.19
C VAL C 95 10.90 -2.46 23.38
N HIS C 96 10.13 -1.75 24.20
CA HIS C 96 10.66 -1.04 25.37
C HIS C 96 9.56 -0.69 26.36
N ARG C 97 9.96 -0.25 27.56
CA ARG C 97 9.02 0.23 28.57
C ARG C 97 8.36 1.56 28.19
N ALA C 98 7.16 1.81 28.72
CA ALA C 98 6.41 3.05 28.44
C ALA C 98 7.19 4.32 28.82
N THR C 99 7.97 4.26 29.89
CA THR C 99 8.78 5.40 30.33
C THR C 99 9.95 5.69 29.40
N MET C 100 10.27 4.71 28.54
CA MET C 100 11.38 4.81 27.59
C MET C 100 10.90 5.06 26.15
N ASP C 101 9.64 5.48 26.03
CA ASP C 101 8.93 5.53 24.75
C ASP C 101 9.09 6.85 23.99
N GLY C 102 9.61 7.88 24.67
CA GLY C 102 9.77 9.20 24.05
C GLY C 102 8.46 9.90 23.75
N THR C 103 7.42 9.61 24.53
CA THR C 103 6.12 10.21 24.30
C THR C 103 5.82 11.26 25.39
N PRO C 104 5.53 12.50 24.97
CA PRO C 104 5.15 13.56 25.91
C PRO C 104 4.01 13.13 26.82
N GLY C 105 4.17 13.36 28.13
CA GLY C 105 3.15 13.03 29.11
C GLY C 105 3.39 11.70 29.78
N ILE C 106 4.26 10.87 29.20
CA ILE C 106 4.60 9.58 29.79
C ILE C 106 6.07 9.62 30.22
N GLY C 107 6.30 9.35 31.51
CA GLY C 107 7.64 9.42 32.10
C GLY C 107 8.28 10.78 31.90
N ALA C 108 9.52 10.78 31.42
CA ALA C 108 10.28 12.01 31.15
C ALA C 108 9.59 12.90 30.12
N GLY C 109 8.90 12.27 29.16
CA GLY C 109 8.15 12.98 28.13
C GLY C 109 9.01 13.91 27.30
N SER C 110 8.50 15.10 27.05
CA SER C 110 9.23 16.13 26.31
C SER C 110 10.53 16.49 27.01
N ILE C 111 11.62 16.48 26.25
CA ILE C 111 12.90 16.92 26.76
C ILE C 111 13.09 18.38 26.38
N ALA C 112 13.04 19.26 27.38
CA ALA C 112 13.15 20.70 27.18
C ALA C 112 14.53 21.10 26.65
N PRO C 113 14.65 22.28 26.01
CA PRO C 113 15.96 22.77 25.57
C PRO C 113 16.95 22.83 26.73
N GLY C 114 18.10 22.21 26.57
CA GLY C 114 19.14 22.17 27.59
C GLY C 114 19.10 20.94 28.48
N GLN C 115 18.03 20.16 28.38
CA GLN C 115 17.87 18.96 29.19
C GLN C 115 18.39 17.70 28.50
N SER C 116 18.61 16.66 29.31
CA SER C 116 19.11 15.38 28.83
C SER C 116 18.30 14.22 29.39
N PHE C 117 18.35 13.09 28.70
CA PHE C 117 17.69 11.87 29.14
C PHE C 117 18.31 10.64 28.48
N THR C 118 18.46 9.57 29.26
CA THR C 118 19.05 8.33 28.75
C THR C 118 17.98 7.28 28.45
N TYR C 119 17.80 6.99 27.17
CA TYR C 119 16.88 5.95 26.73
C TYR C 119 17.51 4.57 26.89
N GLU C 120 16.89 3.73 27.72
CA GLU C 120 17.39 2.38 28.00
C GLU C 120 16.37 1.33 27.60
N PHE C 121 16.81 0.37 26.80
CA PHE C 121 16.01 -0.78 26.39
C PHE C 121 16.92 -1.85 25.77
N ASP C 122 16.37 -3.04 25.53
CA ASP C 122 17.12 -4.09 24.85
C ASP C 122 16.91 -4.00 23.34
N ALA C 123 17.88 -4.51 22.57
CA ALA C 123 17.77 -4.53 21.12
C ALA C 123 16.86 -5.67 20.69
N THR C 124 15.58 -5.37 20.58
CA THR C 124 14.56 -6.37 20.27
C THR C 124 13.31 -5.71 19.68
N PRO C 125 12.67 -6.36 18.69
CA PRO C 125 13.06 -7.62 18.02
C PRO C 125 14.15 -7.38 16.99
N PHE C 126 14.77 -8.44 16.49
CA PHE C 126 15.67 -8.23 15.36
C PHE C 126 14.85 -7.74 14.17
N GLY C 127 15.46 -6.94 13.33
CA GLY C 127 14.78 -6.31 12.20
C GLY C 127 15.34 -4.94 11.89
N THR C 128 14.73 -4.30 10.89
CA THR C 128 15.12 -2.97 10.46
C THR C 128 14.08 -2.04 11.03
N HIS C 129 14.52 -1.12 11.89
CA HIS C 129 13.62 -0.19 12.53
C HIS C 129 14.07 1.25 12.33
N LEU C 130 13.55 2.15 13.15
CA LEU C 130 13.82 3.57 13.02
C LEU C 130 13.53 4.25 14.35
N TYR C 131 13.92 5.51 14.45
CA TYR C 131 13.54 6.36 15.55
C TYR C 131 13.22 7.74 14.99
N HIS C 132 12.40 8.49 15.72
CA HIS C 132 12.10 9.87 15.35
C HIS C 132 11.55 10.63 16.54
N CYS C 133 11.54 11.96 16.45
CA CYS C 133 10.92 12.78 17.50
C CYS C 133 9.42 12.51 17.57
N HIS C 134 8.86 12.65 18.77
CA HIS C 134 7.42 12.47 18.96
C HIS C 134 6.74 13.64 19.69
N GLN C 135 7.38 14.80 19.63
CA GLN C 135 6.82 16.02 20.15
C GLN C 135 5.74 16.56 19.21
N SER C 136 4.65 17.07 19.78
CA SER C 136 3.62 17.76 19.00
C SER C 136 4.00 19.22 18.81
N PRO C 137 3.61 19.85 17.68
CA PRO C 137 2.87 19.23 16.56
C PRO C 137 3.75 18.21 15.82
N LEU C 138 3.21 17.01 15.63
CA LEU C 138 4.01 15.88 15.22
C LEU C 138 4.58 15.98 13.80
N ALA C 139 3.86 16.67 12.91
CA ALA C 139 4.29 16.78 11.52
C ALA C 139 5.63 17.52 11.35
N PRO C 140 5.75 18.78 11.85
CA PRO C 140 7.05 19.48 11.80
C PRO C 140 8.19 18.73 12.50
N HIS C 141 7.90 18.13 13.66
CA HIS C 141 8.93 17.48 14.45
C HIS C 141 9.56 16.25 13.80
N ILE C 142 8.83 15.63 12.87
CA ILE C 142 9.43 14.58 12.04
C ILE C 142 9.99 15.21 10.77
N ALA C 143 9.17 16.00 10.07
CA ALA C 143 9.53 16.58 8.77
C ALA C 143 10.78 17.47 8.77
N LYS C 144 11.04 18.13 9.89
CA LYS C 144 12.18 19.05 10.00
C LYS C 144 13.54 18.34 10.03
N GLY C 145 13.52 17.03 10.27
CA GLY C 145 14.73 16.20 10.10
C GLY C 145 15.03 15.21 11.21
N LEU C 146 14.17 15.17 12.23
CA LEU C 146 14.44 14.33 13.40
C LEU C 146 14.02 12.86 13.21
N TYR C 147 14.89 12.11 12.54
CA TYR C 147 14.69 10.68 12.32
C TYR C 147 16.00 10.00 11.94
N GLY C 148 16.06 8.69 12.10
CA GLY C 148 17.20 7.91 11.69
C GLY C 148 16.92 6.42 11.74
N GLY C 149 17.84 5.64 11.20
CA GLY C 149 17.70 4.20 11.16
C GLY C 149 18.10 3.53 12.46
N PHE C 150 17.50 2.39 12.74
CA PHE C 150 17.80 1.59 13.91
C PHE C 150 17.74 0.13 13.47
N ILE C 151 18.91 -0.45 13.22
CA ILE C 151 18.91 -1.81 12.69
C ILE C 151 19.43 -2.81 13.72
N VAL C 152 18.66 -3.88 13.92
CA VAL C 152 18.99 -4.92 14.87
C VAL C 152 19.23 -6.24 14.13
N GLU C 153 20.49 -6.66 14.10
CA GLU C 153 20.88 -7.93 13.46
C GLU C 153 20.46 -9.11 14.33
N PRO C 154 19.89 -10.19 13.73
CA PRO C 154 19.56 -11.38 14.52
C PRO C 154 20.80 -11.96 15.20
N LYS C 155 20.59 -12.52 16.40
CA LYS C 155 21.67 -13.00 17.25
C LYS C 155 22.64 -13.92 16.49
N GLU C 156 22.07 -14.89 15.78
CA GLU C 156 22.85 -15.85 15.01
C GLU C 156 23.37 -15.25 13.70
N GLY C 157 22.94 -14.03 13.41
CA GLY C 157 23.36 -13.30 12.21
C GLY C 157 22.56 -13.68 10.96
N ARG C 158 22.66 -12.83 9.95
CA ARG C 158 22.08 -13.12 8.64
C ARG C 158 23.13 -13.77 7.76
N PRO C 159 22.71 -14.49 6.69
CA PRO C 159 23.68 -14.84 5.67
C PRO C 159 24.49 -13.60 5.29
N PRO C 160 25.82 -13.76 5.13
CA PRO C 160 26.67 -12.58 4.98
C PRO C 160 26.46 -11.85 3.65
N ALA C 161 26.44 -10.51 3.71
CA ALA C 161 26.32 -9.69 2.51
C ALA C 161 27.66 -9.09 2.12
N ASP C 162 27.86 -8.90 0.83
CA ASP C 162 29.08 -8.27 0.33
C ASP C 162 29.07 -6.76 0.49
N ASP C 163 27.89 -6.16 0.37
CA ASP C 163 27.75 -4.70 0.46
C ASP C 163 26.43 -4.34 1.13
N GLU C 164 26.50 -3.95 2.40
CA GLU C 164 25.32 -3.60 3.19
C GLU C 164 25.18 -2.08 3.32
N MET C 165 23.97 -1.58 3.09
CA MET C 165 23.74 -0.15 3.07
C MET C 165 22.39 0.25 3.65
N VAL C 166 22.25 1.53 3.96
CA VAL C 166 21.00 2.08 4.47
C VAL C 166 20.51 3.20 3.56
N MET C 167 19.21 3.22 3.31
CA MET C 167 18.56 4.23 2.49
C MET C 167 17.31 4.74 3.17
N VAL C 168 17.35 6.01 3.59
CA VAL C 168 16.21 6.66 4.25
C VAL C 168 15.57 7.63 3.26
N MET C 169 14.30 7.37 2.93
CA MET C 169 13.57 8.23 1.99
C MET C 169 12.84 9.32 2.74
N ASN C 170 13.04 10.58 2.34
CA ASN C 170 12.39 11.68 3.00
C ASN C 170 11.84 12.72 2.03
N GLY C 171 11.29 13.79 2.59
CA GLY C 171 10.87 14.93 1.81
C GLY C 171 11.19 16.20 2.55
N TYR C 172 11.22 17.31 1.81
CA TYR C 172 11.45 18.61 2.38
C TYR C 172 10.30 19.55 2.06
N ASN C 173 9.67 20.04 3.12
CA ASN C 173 8.67 21.06 3.04
C ASN C 173 9.34 22.41 3.32
N THR C 174 9.70 23.11 2.23
CA THR C 174 10.47 24.34 2.33
C THR C 174 9.63 25.62 2.42
N ASP C 175 8.47 25.63 1.76
CA ASP C 175 7.62 26.82 1.70
C ASP C 175 6.39 26.74 2.60
N GLY C 176 6.42 25.83 3.58
CA GLY C 176 5.29 25.61 4.47
C GLY C 176 4.08 24.97 3.80
N GLY C 177 2.93 25.07 4.45
CA GLY C 177 1.74 24.36 3.99
C GLY C 177 1.87 22.88 4.29
N ASP C 178 1.05 22.07 3.63
CA ASP C 178 1.04 20.64 3.91
C ASP C 178 1.54 19.81 2.73
N ASP C 179 2.50 20.37 2.00
CA ASP C 179 3.08 19.70 0.82
C ASP C 179 4.61 19.76 0.78
N ASN C 180 5.21 18.80 0.08
CA ASN C 180 6.66 18.74 -0.09
C ASN C 180 7.12 19.40 -1.38
N GLU C 181 8.30 20.00 -1.33
CA GLU C 181 8.90 20.67 -2.48
C GLU C 181 10.05 19.86 -3.06
N PHE C 182 10.71 19.10 -2.20
CA PHE C 182 11.82 18.24 -2.61
C PHE C 182 11.72 16.88 -1.93
N TYR C 183 12.43 15.90 -2.47
CA TYR C 183 12.44 14.55 -1.96
C TYR C 183 13.87 14.06 -2.11
N SER C 184 14.27 13.10 -1.28
CA SER C 184 15.61 12.53 -1.42
C SER C 184 15.73 11.13 -0.84
N VAL C 185 16.82 10.46 -1.18
CA VAL C 185 17.31 9.35 -0.39
C VAL C 185 18.60 9.78 0.30
N ASN C 186 18.60 9.63 1.63
CA ASN C 186 19.76 9.94 2.47
C ASN C 186 20.17 11.43 2.50
N GLY C 187 19.22 12.32 2.21
CA GLY C 187 19.37 13.72 2.58
C GLY C 187 19.41 14.79 1.49
N LEU C 188 19.98 14.46 0.34
CA LEU C 188 20.19 15.44 -0.74
C LEU C 188 19.49 15.08 -2.04
N PRO C 189 18.53 15.91 -2.48
CA PRO C 189 17.90 15.67 -3.78
C PRO C 189 18.91 15.49 -4.91
N PHE C 190 18.72 14.43 -5.68
CA PHE C 190 19.53 14.13 -6.89
C PHE C 190 20.99 13.77 -6.64
N HIS C 191 21.40 13.64 -5.37
CA HIS C 191 22.81 13.32 -5.06
C HIS C 191 23.35 12.12 -5.85
N PHE C 192 22.58 11.03 -5.87
CA PHE C 192 23.02 9.78 -6.48
C PHE C 192 22.89 9.75 -8.02
N MET C 193 22.37 10.84 -8.58
CA MET C 193 22.43 11.08 -10.02
C MET C 193 23.87 11.46 -10.39
N ASP C 194 24.47 12.32 -9.56
CA ASP C 194 25.82 12.85 -9.79
C ASP C 194 26.90 11.94 -9.19
N PHE C 195 26.54 11.23 -8.12
CA PHE C 195 27.44 10.29 -7.43
C PHE C 195 26.76 8.92 -7.28
N PRO C 196 26.77 8.11 -8.35
CA PRO C 196 26.09 6.81 -8.32
C PRO C 196 26.58 5.88 -7.22
N VAL C 197 25.64 5.08 -6.70
CA VAL C 197 25.97 4.06 -5.72
C VAL C 197 26.84 3.01 -6.40
N LYS C 198 28.07 2.88 -5.90
CA LYS C 198 29.04 1.97 -6.49
C LYS C 198 28.89 0.57 -5.88
N VAL C 199 28.55 -0.39 -6.73
CA VAL C 199 28.43 -1.80 -6.32
C VAL C 199 29.18 -2.66 -7.33
N LYS C 200 29.43 -3.92 -6.96
CA LYS C 200 30.16 -4.82 -7.84
C LYS C 200 29.22 -5.89 -8.38
N GLN C 201 29.37 -6.20 -9.66
CA GLN C 201 28.57 -7.23 -10.34
C GLN C 201 28.60 -8.56 -9.58
N HIS C 202 27.41 -9.16 -9.45
CA HIS C 202 27.21 -10.47 -8.78
C HIS C 202 27.28 -10.47 -7.24
N GLU C 203 27.80 -9.39 -6.65
CA GLU C 203 27.91 -9.29 -5.19
C GLU C 203 26.53 -9.16 -4.56
N LEU C 204 26.36 -9.78 -3.40
CA LEU C 204 25.13 -9.64 -2.63
C LEU C 204 25.05 -8.25 -1.98
N VAL C 205 24.09 -7.45 -2.45
CA VAL C 205 23.82 -6.13 -1.92
C VAL C 205 22.60 -6.20 -0.99
N ARG C 206 22.76 -5.67 0.22
CA ARG C 206 21.68 -5.65 1.21
C ARG C 206 21.35 -4.20 1.57
N ILE C 207 20.10 -3.81 1.32
CA ILE C 207 19.68 -2.44 1.56
C ILE C 207 18.58 -2.39 2.61
N HIS C 208 18.85 -1.62 3.65
CA HIS C 208 17.85 -1.31 4.67
C HIS C 208 17.15 -0.05 4.20
N LEU C 209 15.91 -0.22 3.72
CA LEU C 209 15.13 0.88 3.14
C LEU C 209 14.07 1.35 4.11
N ILE C 210 14.17 2.62 4.53
CA ILE C 210 13.26 3.19 5.54
C ILE C 210 12.50 4.40 4.98
N ASN C 211 11.18 4.38 5.10
CA ASN C 211 10.39 5.54 4.69
C ASN C 211 9.98 6.46 5.84
N VAL C 212 10.49 7.68 5.84
CA VAL C 212 10.07 8.70 6.82
C VAL C 212 9.24 9.83 6.20
N LEU C 213 8.90 9.70 4.92
CA LEU C 213 8.24 10.80 4.20
C LEU C 213 6.94 11.25 4.89
N GLU C 214 6.87 12.54 5.17
CA GLU C 214 5.70 13.17 5.78
C GLU C 214 4.79 13.79 4.72
N TYR C 215 3.54 14.06 5.07
CA TYR C 215 2.53 14.71 4.21
C TYR C 215 1.96 13.79 3.13
N ASP C 216 2.83 13.27 2.28
CA ASP C 216 2.45 12.30 1.25
C ASP C 216 2.23 10.94 1.92
N PRO C 217 1.12 10.26 1.57
CA PRO C 217 0.76 9.02 2.29
C PRO C 217 1.60 7.79 1.99
N ILE C 218 2.27 7.78 0.85
CA ILE C 218 3.01 6.58 0.44
C ILE C 218 4.20 6.93 -0.44
N ASN C 219 5.25 6.13 -0.29
CA ASN C 219 6.47 6.30 -1.06
C ASN C 219 6.75 4.98 -1.76
N SER C 220 7.66 4.99 -2.72
CA SER C 220 7.98 3.77 -3.42
C SER C 220 9.45 3.73 -3.84
N PHE C 221 9.88 2.56 -4.29
CA PHE C 221 11.26 2.31 -4.64
C PHE C 221 11.26 1.34 -5.81
N HIS C 222 11.92 1.75 -6.89
CA HIS C 222 12.06 0.93 -8.09
C HIS C 222 13.51 0.95 -8.54
N ILE C 223 14.02 -0.20 -8.95
CA ILE C 223 15.35 -0.30 -9.55
C ILE C 223 15.26 -0.84 -11.00
N HIS C 224 15.89 -0.13 -11.92
CA HIS C 224 15.91 -0.52 -13.34
C HIS C 224 16.68 -1.82 -13.58
N GLY C 225 16.12 -2.67 -14.45
CA GLY C 225 16.83 -3.84 -14.95
C GLY C 225 17.12 -4.92 -13.94
N ASN C 226 16.55 -4.78 -12.74
CA ASN C 226 16.92 -5.66 -11.62
C ASN C 226 15.74 -6.03 -10.73
N PHE C 227 15.87 -7.16 -10.03
CA PHE C 227 14.87 -7.63 -9.08
C PHE C 227 15.54 -7.95 -7.75
N PHE C 228 14.77 -7.74 -6.68
CA PHE C 228 15.26 -7.98 -5.32
C PHE C 228 14.26 -8.80 -4.53
N HIS C 229 14.76 -9.53 -3.53
CA HIS C 229 13.90 -10.10 -2.50
C HIS C 229 13.67 -9.05 -1.43
N TYR C 230 12.43 -8.94 -0.98
CA TYR C 230 12.05 -7.97 0.02
C TYR C 230 11.61 -8.65 1.31
N TYR C 231 12.09 -8.11 2.43
CA TYR C 231 11.81 -8.63 3.76
C TYR C 231 11.18 -7.50 4.58
N PRO C 232 9.84 -7.44 4.63
CA PRO C 232 9.12 -6.40 5.35
C PRO C 232 9.58 -6.33 6.81
N THR C 233 10.00 -5.13 7.23
CA THR C 233 10.50 -4.82 8.58
C THR C 233 11.80 -5.59 8.93
N GLY C 234 12.29 -6.39 8.00
CA GLY C 234 13.45 -7.27 8.22
C GLY C 234 13.31 -8.26 9.38
N THR C 235 12.07 -8.57 9.75
CA THR C 235 11.76 -9.34 10.95
C THR C 235 11.63 -10.84 10.71
N MET C 236 11.57 -11.24 9.44
CA MET C 236 11.51 -12.65 9.08
C MET C 236 12.70 -13.02 8.22
N LEU C 237 13.10 -14.29 8.28
CA LEU C 237 14.31 -14.74 7.59
C LEU C 237 14.06 -15.27 6.18
N THR C 238 12.79 -15.47 5.83
CA THR C 238 12.40 -15.77 4.45
C THR C 238 11.71 -14.54 3.84
N PRO C 239 11.97 -14.27 2.54
CA PRO C 239 11.40 -13.06 1.95
C PRO C 239 9.93 -13.19 1.56
N SER C 240 9.23 -12.06 1.54
CA SER C 240 7.80 -12.05 1.22
C SER C 240 7.55 -11.82 -0.27
N GLU C 241 8.47 -11.14 -0.94
CA GLU C 241 8.32 -10.81 -2.36
C GLU C 241 9.64 -10.88 -3.12
N TYR C 242 9.54 -11.11 -4.42
CA TYR C 242 10.64 -10.96 -5.34
C TYR C 242 10.11 -10.02 -6.43
N THR C 243 10.66 -8.82 -6.48
CA THR C 243 10.07 -7.77 -7.30
C THR C 243 11.09 -6.71 -7.67
N ASP C 244 10.68 -5.75 -8.51
CA ASP C 244 11.51 -4.59 -8.80
C ASP C 244 10.94 -3.28 -8.25
N THR C 245 9.76 -3.35 -7.61
CA THR C 245 9.06 -2.16 -7.11
C THR C 245 8.35 -2.51 -5.80
N ILE C 246 8.59 -1.71 -4.77
CA ILE C 246 7.88 -1.87 -3.50
C ILE C 246 7.37 -0.52 -2.98
N SER C 247 6.38 -0.57 -2.11
CA SER C 247 5.80 0.65 -1.56
C SER C 247 5.88 0.58 -0.04
N GLN C 248 5.93 1.76 0.57
CA GLN C 248 5.99 1.90 2.02
C GLN C 248 5.23 3.16 2.43
N VAL C 249 4.32 3.04 3.41
CA VAL C 249 3.77 4.25 4.05
C VAL C 249 4.78 4.77 5.08
N GLN C 250 4.55 5.95 5.63
CA GLN C 250 5.49 6.48 6.64
C GLN C 250 5.60 5.49 7.81
N GLY C 251 6.84 5.19 8.21
CA GLY C 251 7.06 4.26 9.30
C GLY C 251 7.28 2.82 8.83
N GLN C 252 6.87 2.50 7.61
CA GLN C 252 7.21 1.20 7.04
C GLN C 252 8.66 1.18 6.55
N ARG C 253 9.25 0.00 6.57
CA ARG C 253 10.67 -0.19 6.27
C ARG C 253 10.91 -1.68 6.02
N GLY C 254 12.04 -1.99 5.39
CA GLY C 254 12.39 -3.38 5.18
C GLY C 254 13.76 -3.57 4.59
N ILE C 255 14.08 -4.81 4.27
CA ILE C 255 15.37 -5.18 3.69
C ILE C 255 15.16 -5.65 2.26
N LEU C 256 15.99 -5.13 1.35
CA LEU C 256 16.02 -5.64 0.00
C LEU C 256 17.36 -6.29 -0.24
N GLU C 257 17.35 -7.43 -0.90
CA GLU C 257 18.58 -8.11 -1.27
C GLU C 257 18.60 -8.42 -2.75
N LEU C 258 19.70 -8.08 -3.41
CA LEU C 258 19.88 -8.45 -4.81
C LEU C 258 21.34 -8.62 -5.18
N ARG C 259 21.56 -9.23 -6.33
CA ARG C 259 22.86 -9.31 -6.97
C ARG C 259 22.65 -8.76 -8.37
N PHE C 260 23.43 -7.74 -8.73
CA PHE C 260 23.37 -7.16 -10.08
C PHE C 260 24.10 -8.08 -11.09
N PRO C 261 23.35 -8.66 -12.05
CA PRO C 261 23.97 -9.58 -13.01
C PRO C 261 24.83 -8.91 -14.11
N TYR C 262 24.65 -7.62 -14.34
CA TYR C 262 25.32 -6.90 -15.42
C TYR C 262 25.97 -5.60 -14.97
N PRO C 263 27.16 -5.27 -15.54
CA PRO C 263 27.77 -3.97 -15.23
C PRO C 263 27.06 -2.82 -15.93
N GLY C 264 27.24 -1.61 -15.41
CA GLY C 264 26.71 -0.39 -16.02
C GLY C 264 25.90 0.46 -15.06
N LYS C 265 25.20 1.47 -15.60
CA LYS C 265 24.38 2.36 -14.79
C LYS C 265 22.92 1.94 -14.82
N PHE C 266 22.35 1.77 -13.63
CA PHE C 266 20.95 1.38 -13.47
C PHE C 266 20.25 2.36 -12.55
N MET C 267 19.30 3.11 -13.11
CA MET C 267 18.54 4.07 -12.33
C MET C 267 17.74 3.42 -11.20
N PHE C 268 17.60 4.15 -10.10
CA PHE C 268 16.67 3.77 -9.06
C PHE C 268 15.98 5.04 -8.58
N HIS C 269 14.70 4.91 -8.22
CA HIS C 269 13.89 6.08 -7.90
C HIS C 269 12.53 5.64 -7.39
N ALA C 270 11.79 6.60 -6.83
CA ALA C 270 10.39 6.36 -6.50
C ALA C 270 9.68 6.10 -7.80
N HIS C 271 8.77 5.14 -7.81
CA HIS C 271 7.91 4.99 -8.97
C HIS C 271 6.69 5.94 -8.90
N LYS C 272 6.73 6.88 -7.97
CA LYS C 272 5.82 8.02 -8.09
C LYS C 272 6.59 9.12 -8.77
N THR C 273 6.15 9.44 -9.98
CA THR C 273 6.86 10.32 -10.88
C THR C 273 7.19 11.69 -10.28
N GLU C 274 6.20 12.27 -9.60
CA GLU C 274 6.33 13.56 -8.93
C GLU C 274 7.54 13.61 -7.97
N PHE C 275 7.73 12.55 -7.19
CA PHE C 275 8.81 12.48 -6.18
C PHE C 275 10.16 12.34 -6.86
N ALA C 276 10.21 11.52 -7.91
CA ALA C 276 11.45 11.26 -8.65
C ALA C 276 11.98 12.53 -9.30
N GLU C 277 11.09 13.29 -9.93
CA GLU C 277 11.49 14.51 -10.62
C GLU C 277 11.82 15.68 -9.67
N LEU C 278 11.53 15.50 -8.38
CA LEU C 278 11.86 16.50 -7.36
C LEU C 278 12.97 16.04 -6.40
N GLY C 279 13.71 15.01 -6.79
CA GLY C 279 14.94 14.62 -6.09
C GLY C 279 15.16 13.17 -5.76
N TRP C 280 14.10 12.38 -5.70
CA TRP C 280 14.20 10.98 -5.30
C TRP C 280 14.48 10.11 -6.55
N MET C 281 15.69 10.29 -7.07
CA MET C 281 16.22 9.50 -8.17
C MET C 281 17.76 9.46 -8.13
N GLY C 282 18.32 8.34 -8.57
CA GLY C 282 19.76 8.17 -8.61
C GLY C 282 20.14 7.03 -9.52
N PHE C 283 21.42 6.67 -9.50
CA PHE C 283 21.90 5.51 -10.24
C PHE C 283 22.69 4.60 -9.32
N PHE C 284 22.64 3.30 -9.62
CA PHE C 284 23.70 2.38 -9.22
C PHE C 284 24.70 2.32 -10.37
N GLU C 285 25.99 2.30 -10.04
CA GLU C 285 27.03 2.04 -11.02
C GLU C 285 27.65 0.69 -10.66
N VAL C 286 27.40 -0.30 -11.52
CA VAL C 286 27.81 -1.66 -11.25
C VAL C 286 29.11 -1.89 -12.01
N SER C 287 30.19 -2.19 -11.27
CA SER C 287 31.48 -2.50 -11.89
C SER C 287 31.55 -3.97 -12.30
N ALA C 288 32.27 -4.25 -13.39
CA ALA C 288 32.38 -5.61 -13.93
C ALA C 288 33.20 -6.54 -13.03
CU CU D . 7.80 9.02 -24.65
CU CU E . 8.20 1.55 -14.46
CU CU F . -17.67 -5.67 -2.55
CU CU G . -18.63 -2.45 -5.28
CA CA H . -6.29 17.05 -15.21
CU CU I . -26.91 3.95 1.32
CU CU J . -16.43 -2.80 -0.13
CU CU K . 6.14 4.30 17.43
CU CU L . 3.31 7.69 17.90
CA CA M . -14.75 18.01 4.16
CU CU N . 12.07 0.50 -14.41
CU CU O . 12.83 4.83 -14.17
CU CU P . 10.95 17.34 18.16
CU CU Q . 7.09 6.19 13.96
CA CA R . 5.28 23.05 1.07
#